data_3FQD
#
_entry.id   3FQD
#
_cell.length_a   96.690
_cell.length_b   190.869
_cell.length_c   84.619
_cell.angle_alpha   90.000
_cell.angle_beta   90.000
_cell.angle_gamma   90.000
#
_symmetry.space_group_name_H-M   'P 21 21 2'
#
loop_
_entity.id
_entity.type
_entity.pdbx_description
1 polymer "5'-3' exoribonuclease 2"
2 polymer 'Protein din1'
3 non-polymer 'MAGNESIUM ION'
4 non-polymer GLYCEROL
5 water water
#
loop_
_entity_poly.entity_id
_entity_poly.type
_entity_poly.pdbx_seq_one_letter_code
_entity_poly.pdbx_strand_id
1 'polypeptide(L)'
;(MSE)AS(MSE)GVPALFRLLSRKFAKVITPVIEAPTEKLPDGTEIEPDLSLPNPNGVECDNLYLD(MSE)NGIVHPCSH
PEDRPAPETEDE(MSE)(MSE)VAVFEYTDRILA(MSE)VRPRQLLFIAIDGVAPRAK(MSE)NQQRSRRFRSSREAALK
EEELQAFIEEAKQQGIPIDENATKKKSWDSNCITPGTPF(MSE)DTLAKSLRYYIINKLNSDPCWRNVRFILSDASVPGE
GEHKI(MSE)EFIRSQRVKPEYDPNTHHVVYGLDADLI(MSE)LGLATHEPHFRVLREDVFFQQGSTKKTKEERLGIKRL
DDVSETNKVPVKKPFIWLNVSILREYLEVELYVPNLPFPFDLERAIDDWVFFIFFVGNDFLPHLPSLDIRDGAVERLTEI
WRASLPH(MSE)GGYLTLDGSVNLARAEVILSAVGNQEDDIFKRLKQQEDRRNENYRRRQQRESNQESESYVDNVVIQRS
VETQSTEVVTSSKSTSVDTKPPKKTQKIDAPAPVDLVNLSEKTSNRSLGATNRELINNRAANRLGLSREAAAVSSVNKLA
ASALKAQLVSNETLQNVPLEDSIASSSAYEDTDSIESSTPVVHPIDTKVSNVGQKRKAPDSTEENENTDTVRLYEPGYRE
RYYEQKFHISPDEPEKIREAVKHYVHGLCWVLLYYYQGCPSWTWYYPYHYAPFAADFKDLASIDVKFELNQPFKPYEQLL
GVLPAASKNNLPEKLQTL(MSE)TDENSEIIDFYPENFTIDLNGKKFEWQGVALLPFIDENRLLNAVSKIYPQLTEEESK
RNEDGSTLLFISEHHP(MSE)FSELVKQLYSKKRQGKPLKLSGK(MSE)AHGLFGKVNTNDSVIPNVSVQCPIDVTSADA
LQKYGSIDDNQSISLVFEVPKSHFVHKS(MSE)LLRGVK(MSE)PNRVLTPEDINQVRAERSFSSRRNNGNSAAALEHHH
HHH
;
A
2 'polypeptide(L)'
;(MSE)LREFSFYDVPPAHVPPVSEPLEIACYSLSRDRELLLDDSKLSYYYPPPLFSDLNTGFPNRFHPPKSDPDPISIVK
DVL(MSE)TKGIQ(MSE)NSSFLTWRGLITKI(MSE)CAPLDPRNHWETYLV(MSE)DPTSGII(MSE)(MSE)EERTRS
ETSYANQDR(MSE)CYWGYKFEAISTLPEIWDACSRDQIEQRDNQDVVPDEQYCSIVKINIGKSKLILAGEVDCIWDKKP
CSAKESDVHSDDGTIEEDASNAENPNLHYVELKTSKKYPLENYG(MSE)RKKLLKYWAQSFLLGIGRIIIGFRDDNGILI
E(MSE)KELFTHQIPK(MSE)LRPYFKPNDWTPNRLLVVLEHALEWIKQTVKQHPPSTEFTLSYTGGSKLVLRQII
;
B
#
# COMPACT_ATOMS: atom_id res chain seq x y z
N ALA A 2 19.42 -9.29 16.84
CA ALA A 2 18.37 -10.11 17.52
C ALA A 2 17.04 -9.34 17.60
N SER A 3 15.95 -10.02 17.25
CA SER A 3 14.61 -9.43 17.27
C SER A 3 14.17 -9.08 18.68
N GLY A 5 11.10 -9.36 19.66
CA GLY A 5 10.14 -10.40 20.00
C GLY A 5 8.70 -9.95 19.97
N VAL A 6 7.78 -10.90 20.03
CA VAL A 6 6.34 -10.61 20.00
C VAL A 6 5.81 -10.06 21.34
N PRO A 7 6.04 -10.74 22.47
CA PRO A 7 5.65 -10.21 23.77
C PRO A 7 6.15 -8.79 24.03
N ALA A 8 7.33 -8.43 23.51
CA ALA A 8 7.92 -7.12 23.75
C ALA A 8 7.18 -5.98 23.05
N LEU A 9 6.95 -6.12 21.75
CA LEU A 9 6.25 -5.11 20.97
C LEU A 9 4.78 -4.99 21.38
N PHE A 10 4.17 -6.15 21.67
CA PHE A 10 2.78 -6.19 22.11
C PHE A 10 2.59 -5.57 23.48
N ARG A 11 3.61 -5.67 24.34
CA ARG A 11 3.58 -4.98 25.64
C ARG A 11 3.76 -3.47 25.48
N LEU A 12 4.60 -3.07 24.52
CA LEU A 12 4.74 -1.66 24.16
C LEU A 12 3.43 -1.12 23.60
N LEU A 13 2.75 -1.93 22.77
CA LEU A 13 1.45 -1.56 22.21
C LEU A 13 0.35 -1.52 23.27
N SER A 14 0.33 -2.50 24.16
CA SER A 14 -0.64 -2.56 25.25
C SER A 14 -0.45 -1.43 26.27
N ARG A 15 0.79 -0.97 26.39
CA ARG A 15 1.16 0.07 27.35
C ARG A 15 0.92 1.49 26.82
N LYS A 16 1.42 1.78 25.62
CA LYS A 16 1.40 3.14 25.08
C LYS A 16 0.39 3.37 23.95
N PHE A 17 0.04 2.31 23.23
CA PHE A 17 -0.87 2.40 22.09
C PHE A 17 -2.05 1.44 22.25
N ALA A 18 -2.73 1.51 23.40
CA ALA A 18 -3.75 0.53 23.77
C ALA A 18 -4.89 0.34 22.76
N LYS A 19 -5.33 1.44 22.15
CA LYS A 19 -6.50 1.41 21.26
C LYS A 19 -6.26 0.72 19.90
N VAL A 20 -5.01 0.47 19.55
CA VAL A 20 -4.69 -0.20 18.29
C VAL A 20 -5.12 -1.67 18.30
N ILE A 21 -5.02 -2.31 19.47
CA ILE A 21 -5.40 -3.71 19.63
C ILE A 21 -6.90 -3.85 19.88
N THR A 22 -7.52 -4.81 19.19
CA THR A 22 -8.97 -4.97 19.20
C THR A 22 -9.31 -6.44 18.97
N PRO A 23 -10.31 -6.97 19.69
CA PRO A 23 -10.77 -8.34 19.47
C PRO A 23 -11.51 -8.51 18.13
N VAL A 24 -11.28 -9.65 17.48
CA VAL A 24 -11.95 -9.98 16.22
C VAL A 24 -13.30 -10.64 16.50
N ILE A 25 -14.35 -10.09 15.89
CA ILE A 25 -15.70 -10.62 16.08
C ILE A 25 -16.03 -11.63 14.98
N GLU A 26 -16.36 -12.84 15.41
CA GLU A 26 -16.77 -13.91 14.50
C GLU A 26 -18.26 -14.18 14.66
N ALA A 27 -19.00 -14.12 13.55
CA ALA A 27 -20.44 -14.42 13.55
C ALA A 27 -20.68 -15.88 13.96
N PRO A 28 -21.64 -16.09 14.86
CA PRO A 28 -21.86 -17.42 15.43
C PRO A 28 -22.57 -18.38 14.50
N THR A 29 -22.36 -19.68 14.72
CA THR A 29 -23.14 -20.72 14.08
C THR A 29 -24.46 -20.85 14.84
N GLU A 30 -25.58 -20.84 14.11
CA GLU A 30 -26.89 -21.11 14.71
C GLU A 30 -27.02 -22.61 14.97
N LYS A 31 -27.35 -22.96 16.25
CA LYS A 31 -27.44 -24.36 16.62
C LYS A 31 -28.89 -24.72 16.96
N LEU A 32 -29.57 -25.44 15.98
CA LEU A 32 -31.00 -25.75 16.17
C LEU A 32 -31.18 -27.03 17.00
N PRO A 33 -32.30 -27.12 17.74
CA PRO A 33 -32.58 -28.26 18.66
C PRO A 33 -32.58 -29.66 18.02
N ASP A 34 -32.46 -29.74 16.69
CA ASP A 34 -32.40 -31.06 16.03
C ASP A 34 -31.03 -31.38 15.45
N GLY A 35 -30.01 -30.58 16.01
CA GLY A 35 -28.63 -30.84 15.58
C GLY A 35 -28.26 -30.21 14.24
N THR A 36 -29.23 -29.54 13.60
CA THR A 36 -28.96 -28.70 12.41
C THR A 36 -28.10 -27.53 12.86
N GLU A 37 -27.06 -27.22 12.08
CA GLU A 37 -26.19 -26.09 12.36
C GLU A 37 -26.11 -25.15 11.16
N ILE A 38 -26.56 -23.91 11.36
CA ILE A 38 -26.53 -22.90 10.31
C ILE A 38 -25.23 -22.09 10.38
N GLU A 39 -24.36 -22.34 9.42
CA GLU A 39 -23.14 -21.56 9.27
C GLU A 39 -23.52 -20.16 8.79
N PRO A 40 -22.83 -19.13 9.31
CA PRO A 40 -23.12 -17.75 8.91
C PRO A 40 -22.89 -17.52 7.41
N ASP A 41 -23.73 -16.70 6.81
CA ASP A 41 -23.62 -16.32 5.40
C ASP A 41 -22.48 -15.31 5.27
N LEU A 42 -21.39 -15.75 4.64
CA LEU A 42 -20.16 -14.96 4.54
C LEU A 42 -20.22 -13.77 3.57
N SER A 43 -21.23 -13.76 2.69
CA SER A 43 -21.47 -12.64 1.78
C SER A 43 -22.13 -11.45 2.50
N LEU A 44 -22.66 -11.68 3.69
CA LEU A 44 -23.25 -10.62 4.51
C LEU A 44 -22.16 -9.70 5.07
N PRO A 45 -22.53 -8.49 5.50
CA PRO A 45 -21.57 -7.53 6.06
C PRO A 45 -20.73 -8.11 7.20
N ASN A 46 -19.51 -7.60 7.35
CA ASN A 46 -18.60 -8.06 8.39
C ASN A 46 -18.98 -7.53 9.77
N PRO A 47 -19.26 -8.44 10.71
CA PRO A 47 -19.59 -8.05 12.10
C PRO A 47 -18.57 -7.14 12.79
N ASN A 48 -17.33 -7.11 12.27
CA ASN A 48 -16.30 -6.19 12.75
C ASN A 48 -16.48 -4.74 12.28
N GLY A 49 -17.53 -4.47 11.52
CA GLY A 49 -17.83 -3.12 11.05
C GLY A 49 -17.03 -2.68 9.84
N VAL A 50 -15.76 -3.10 9.78
CA VAL A 50 -14.86 -2.78 8.68
C VAL A 50 -14.82 -3.93 7.68
N GLU A 51 -15.01 -3.61 6.40
CA GLU A 51 -14.96 -4.60 5.33
C GLU A 51 -13.53 -4.74 4.81
N CYS A 52 -13.16 -5.95 4.39
CA CYS A 52 -11.83 -6.20 3.83
C CYS A 52 -11.88 -6.42 2.32
N ASP A 53 -10.99 -5.74 1.60
CA ASP A 53 -10.81 -5.94 0.18
C ASP A 53 -9.79 -7.05 -0.07
N ASN A 54 -8.57 -6.81 0.38
CA ASN A 54 -7.45 -7.71 0.13
C ASN A 54 -6.97 -8.37 1.43
N LEU A 55 -6.99 -9.70 1.45
CA LEU A 55 -6.41 -10.44 2.56
C LEU A 55 -5.12 -11.11 2.09
N TYR A 56 -4.06 -10.87 2.84
CA TYR A 56 -2.75 -11.43 2.56
C TYR A 56 -2.35 -12.36 3.71
N LEU A 57 -1.95 -13.57 3.35
CA LEU A 57 -1.57 -14.56 4.35
C LEU A 57 -0.10 -14.91 4.28
N ASP A 58 0.61 -14.72 5.40
CA ASP A 58 1.93 -15.30 5.59
C ASP A 58 1.71 -16.76 5.95
N ASN A 60 3.35 -19.57 6.17
CA ASN A 60 4.19 -20.24 7.18
C ASN A 60 3.83 -19.90 8.62
N GLY A 61 3.27 -18.70 8.82
CA GLY A 61 2.71 -18.30 10.11
C GLY A 61 1.38 -19.00 10.41
N ILE A 62 0.89 -19.78 9.45
CA ILE A 62 -0.26 -20.67 9.63
C ILE A 62 0.19 -22.12 9.83
N VAL A 63 1.17 -22.56 9.03
CA VAL A 63 1.71 -23.93 9.14
C VAL A 63 2.31 -24.20 10.51
N HIS A 64 3.10 -23.26 11.02
CA HIS A 64 3.76 -23.40 12.32
C HIS A 64 2.79 -23.65 13.49
N PRO A 65 1.81 -22.76 13.71
CA PRO A 65 0.80 -22.99 14.76
C PRO A 65 0.02 -24.29 14.56
N CYS A 66 -0.27 -24.65 13.30
CA CYS A 66 -0.94 -25.90 12.98
C CYS A 66 -0.09 -27.13 13.32
N SER A 67 1.21 -26.94 13.48
CA SER A 67 2.14 -28.03 13.80
C SER A 67 2.18 -28.35 15.30
N HIS A 68 1.78 -27.38 16.13
CA HIS A 68 1.74 -27.57 17.58
C HIS A 68 0.51 -26.93 18.24
N PRO A 69 -0.66 -27.55 18.03
CA PRO A 69 -1.92 -27.02 18.61
C PRO A 69 -2.02 -27.23 20.12
N GLU A 70 -2.96 -26.52 20.75
CA GLU A 70 -3.13 -26.57 22.21
C GLU A 70 -3.85 -27.85 22.67
N ASP A 71 -5.18 -27.86 22.53
CA ASP A 71 -6.00 -29.00 22.95
C ASP A 71 -6.33 -29.92 21.77
N ARG A 72 -5.32 -30.27 20.98
CA ARG A 72 -5.47 -31.12 19.80
C ARG A 72 -4.07 -31.52 19.30
N PRO A 73 -3.34 -32.32 20.08
CA PRO A 73 -1.90 -32.54 19.87
C PRO A 73 -1.45 -32.74 18.42
N ALA A 74 -0.22 -32.29 18.13
CA ALA A 74 0.39 -32.27 16.78
C ALA A 74 -0.11 -33.30 15.76
N PRO A 75 -0.40 -32.83 14.54
CA PRO A 75 -0.61 -33.72 13.41
C PRO A 75 0.71 -34.38 13.00
N GLU A 76 0.64 -35.64 12.57
CA GLU A 76 1.84 -36.42 12.26
C GLU A 76 2.09 -36.52 10.76
N THR A 77 0.99 -36.59 10.00
CA THR A 77 1.05 -36.80 8.56
C THR A 77 0.96 -35.47 7.79
N GLU A 78 1.56 -35.44 6.61
CA GLU A 78 1.40 -34.34 5.68
C GLU A 78 -0.08 -34.10 5.38
N ASP A 79 -0.83 -35.19 5.23
CA ASP A 79 -2.27 -35.16 4.99
C ASP A 79 -3.04 -34.55 6.15
N GLU A 80 -2.68 -34.95 7.37
CA GLU A 80 -3.27 -34.40 8.60
C GLU A 80 -2.94 -32.92 8.75
N VAL A 83 -5.11 -30.73 6.29
CA VAL A 83 -6.49 -30.59 6.75
C VAL A 83 -6.57 -29.51 7.83
N ALA A 84 -5.64 -29.57 8.79
CA ALA A 84 -5.51 -28.53 9.81
C ALA A 84 -5.30 -27.13 9.19
N VAL A 85 -4.39 -27.04 8.22
CA VAL A 85 -4.11 -25.78 7.53
C VAL A 85 -5.34 -25.25 6.79
N PHE A 86 -6.04 -26.14 6.08
CA PHE A 86 -7.30 -25.83 5.40
C PHE A 86 -8.36 -25.26 6.35
N GLU A 87 -8.45 -25.83 7.54
CA GLU A 87 -9.45 -25.43 8.54
C GLU A 87 -9.11 -24.11 9.22
N TYR A 88 -7.83 -23.93 9.54
CA TYR A 88 -7.32 -22.68 10.09
C TYR A 88 -7.53 -21.53 9.11
N THR A 89 -7.20 -21.76 7.84
CA THR A 89 -7.41 -20.78 6.78
C THR A 89 -8.88 -20.45 6.57
N ASP A 90 -9.74 -21.49 6.61
CA ASP A 90 -11.20 -21.32 6.52
C ASP A 90 -11.72 -20.37 7.60
N ARG A 91 -11.19 -20.52 8.81
CA ARG A 91 -11.56 -19.70 9.95
C ARG A 91 -11.18 -18.24 9.73
N ILE A 92 -9.97 -18.02 9.21
CA ILE A 92 -9.49 -16.68 8.87
C ILE A 92 -10.38 -16.03 7.81
N LEU A 93 -10.68 -16.77 6.74
CA LEU A 93 -11.55 -16.29 5.67
C LEU A 93 -12.94 -15.93 6.15
N ALA A 94 -13.45 -16.67 7.14
CA ALA A 94 -14.76 -16.41 7.73
C ALA A 94 -14.79 -15.14 8.60
N VAL A 96 -12.44 -12.55 8.34
CA VAL A 96 -11.91 -11.42 7.57
C VAL A 96 -12.85 -11.06 6.42
N ARG A 97 -13.26 -12.07 5.66
CA ARG A 97 -14.19 -11.96 4.54
C ARG A 97 -13.71 -11.02 3.43
N PRO A 98 -12.59 -11.36 2.76
CA PRO A 98 -12.06 -10.53 1.69
C PRO A 98 -13.01 -10.46 0.51
N ARG A 99 -13.16 -9.26 -0.06
CA ARG A 99 -14.12 -9.04 -1.14
C ARG A 99 -13.47 -9.01 -2.53
N GLN A 100 -12.15 -8.80 -2.56
CA GLN A 100 -11.46 -8.60 -3.83
C GLN A 100 -10.30 -9.55 -4.05
N LEU A 101 -9.50 -9.78 -3.01
CA LEU A 101 -8.26 -10.54 -3.17
C LEU A 101 -7.91 -11.41 -1.97
N LEU A 102 -7.49 -12.64 -2.25
CA LEU A 102 -6.74 -13.44 -1.28
C LEU A 102 -5.33 -13.72 -1.82
N PHE A 103 -4.32 -13.19 -1.13
CA PHE A 103 -2.92 -13.37 -1.48
C PHE A 103 -2.26 -14.32 -0.48
N ILE A 104 -1.91 -15.52 -0.93
CA ILE A 104 -1.23 -16.49 -0.08
C ILE A 104 0.27 -16.49 -0.37
N ALA A 105 1.06 -16.10 0.64
CA ALA A 105 2.51 -16.00 0.49
C ALA A 105 3.24 -17.03 1.35
N ILE A 106 3.91 -17.98 0.69
CA ILE A 106 4.80 -18.90 1.39
C ILE A 106 6.23 -18.34 1.26
N ASP A 107 6.98 -18.33 2.36
CA ASP A 107 8.38 -17.88 2.35
C ASP A 107 9.16 -18.58 1.24
N GLY A 108 9.74 -17.80 0.35
CA GLY A 108 10.73 -18.28 -0.61
C GLY A 108 12.09 -18.05 0.01
N VAL A 109 13.16 -18.30 -0.76
CA VAL A 109 14.51 -18.04 -0.27
C VAL A 109 14.64 -16.60 0.21
N ALA A 110 15.20 -16.42 1.40
CA ALA A 110 15.39 -15.10 1.98
C ALA A 110 16.82 -14.60 1.77
N PRO A 111 17.05 -13.29 1.90
CA PRO A 111 18.40 -12.74 1.82
C PRO A 111 19.31 -13.31 2.91
N ARG A 112 20.61 -13.28 2.65
CA ARG A 112 21.61 -13.79 3.59
C ARG A 112 21.43 -13.26 5.01
N ALA A 113 21.16 -11.95 5.13
CA ALA A 113 20.96 -11.31 6.42
C ALA A 113 19.86 -12.00 7.25
N LYS A 114 18.78 -12.39 6.59
CA LYS A 114 17.69 -13.14 7.23
C LYS A 114 18.10 -14.59 7.51
N ASN A 116 20.92 -15.74 8.28
CA ASN A 116 21.78 -15.78 9.45
C ASN A 116 20.99 -15.83 10.76
N GLN A 117 19.92 -15.03 10.82
CA GLN A 117 18.99 -15.06 11.95
C GLN A 117 18.33 -16.44 12.07
N GLN A 118 17.93 -17.00 10.93
CA GLN A 118 17.30 -18.31 10.88
C GLN A 118 18.27 -19.44 11.25
N ARG A 119 19.52 -19.30 10.83
CA ARG A 119 20.57 -20.26 11.17
C ARG A 119 20.76 -20.30 12.68
N SER A 120 20.86 -19.13 13.30
CA SER A 120 21.03 -19.02 14.73
C SER A 120 19.85 -19.61 15.50
N ARG A 121 18.63 -19.23 15.12
CA ARG A 121 17.41 -19.74 15.75
C ARG A 121 17.31 -21.26 15.68
N ARG A 122 17.60 -21.83 14.52
CA ARG A 122 17.42 -23.26 14.29
C ARG A 122 18.50 -24.09 14.96
N PHE A 123 19.73 -23.56 15.00
CA PHE A 123 20.82 -24.16 15.78
C PHE A 123 20.49 -24.18 17.27
N ARG A 124 19.85 -23.11 17.75
CA ARG A 124 19.45 -22.99 19.15
C ARG A 124 18.28 -23.90 19.51
N SER A 125 17.30 -24.00 18.60
CA SER A 125 16.16 -24.89 18.76
C SER A 125 16.60 -26.35 18.80
N SER A 126 17.55 -26.69 17.91
CA SER A 126 18.07 -28.06 17.83
C SER A 126 18.83 -28.44 19.09
N ARG A 127 19.63 -27.50 19.60
CA ARG A 127 20.38 -27.66 20.84
C ARG A 127 19.43 -27.80 22.02
N GLU A 128 18.41 -26.94 22.06
CA GLU A 128 17.37 -26.98 23.09
C GLU A 128 16.64 -28.32 23.11
N ALA A 129 16.29 -28.83 21.93
CA ALA A 129 15.56 -30.09 21.79
C ALA A 129 16.40 -31.31 22.17
N ALA A 130 17.70 -31.27 21.89
CA ALA A 130 18.62 -32.36 22.27
C ALA A 130 18.85 -32.41 23.78
N LEU A 131 18.98 -31.24 24.39
CA LEU A 131 19.13 -31.12 25.84
C LEU A 131 17.87 -31.58 26.57
N LYS A 132 16.71 -31.25 26.00
CA LYS A 132 15.42 -31.70 26.52
C LYS A 132 15.30 -33.23 26.43
N GLU A 133 15.72 -33.79 25.30
CA GLU A 133 15.62 -35.23 25.04
C GLU A 133 16.45 -36.06 26.02
N GLU A 134 17.64 -35.56 26.37
CA GLU A 134 18.49 -36.21 27.37
C GLU A 134 17.87 -36.17 28.77
N GLU A 135 17.39 -34.99 29.16
CA GLU A 135 16.75 -34.81 30.47
C GLU A 135 15.49 -35.66 30.61
N LEU A 136 14.70 -35.71 29.54
CA LEU A 136 13.47 -36.50 29.50
C LEU A 136 13.74 -37.99 29.63
N GLN A 137 14.75 -38.48 28.93
CA GLN A 137 15.08 -39.90 28.93
C GLN A 137 15.71 -40.36 30.25
N ALA A 138 16.44 -39.46 30.90
CA ALA A 138 17.00 -39.73 32.23
C ALA A 138 15.91 -39.70 33.30
N PHE A 139 14.91 -38.85 33.09
CA PHE A 139 13.74 -38.79 33.97
C PHE A 139 12.90 -40.06 33.84
N ILE A 140 12.71 -40.52 32.60
CA ILE A 140 11.96 -41.75 32.32
C ILE A 140 12.62 -42.98 32.95
N GLU A 141 13.96 -43.05 32.87
CA GLU A 141 14.71 -44.14 33.47
C GLU A 141 14.54 -44.19 34.99
N GLU A 142 14.56 -43.02 35.62
CA GLU A 142 14.37 -42.90 37.07
C GLU A 142 12.94 -43.24 37.47
N ALA A 143 11.98 -42.83 36.66
CA ALA A 143 10.56 -43.10 36.91
C ALA A 143 10.24 -44.60 36.82
N LYS A 144 10.89 -45.30 35.89
CA LYS A 144 10.76 -46.75 35.75
C LYS A 144 11.23 -47.48 37.01
N GLN A 145 12.40 -47.08 37.51
CA GLN A 145 13.00 -47.67 38.70
C GLN A 145 12.24 -47.30 39.98
N GLN A 146 11.53 -46.18 39.93
CA GLN A 146 10.75 -45.72 41.09
C GLN A 146 9.35 -46.32 41.15
N GLY A 147 8.93 -46.96 40.06
CA GLY A 147 7.63 -47.61 39.98
C GLY A 147 6.50 -46.66 39.60
N ILE A 148 6.86 -45.57 38.92
CA ILE A 148 5.89 -44.57 38.48
C ILE A 148 5.49 -44.82 37.03
N PRO A 149 4.18 -45.00 36.79
CA PRO A 149 3.69 -45.34 35.45
C PRO A 149 3.63 -44.13 34.52
N ILE A 150 4.69 -43.94 33.74
CA ILE A 150 4.74 -42.87 32.75
C ILE A 150 4.00 -43.29 31.49
N ASP A 151 3.19 -42.38 30.95
CA ASP A 151 2.53 -42.58 29.67
C ASP A 151 3.53 -42.20 28.58
N GLU A 152 4.33 -43.18 28.16
CA GLU A 152 5.45 -42.94 27.24
C GLU A 152 5.06 -42.50 25.83
N ASN A 153 3.91 -42.96 25.36
CA ASN A 153 3.38 -42.52 24.07
C ASN A 153 2.99 -41.04 24.07
N ALA A 154 2.39 -40.59 25.17
CA ALA A 154 1.98 -39.20 25.33
C ALA A 154 3.12 -38.30 25.81
N THR A 155 4.09 -38.89 26.51
CA THR A 155 5.27 -38.15 26.98
C THR A 155 6.29 -37.97 25.85
N LYS A 156 6.66 -39.07 25.19
CA LYS A 156 7.53 -39.01 24.01
C LYS A 156 6.70 -38.57 22.80
N LYS A 157 6.58 -37.26 22.64
CA LYS A 157 5.72 -36.68 21.62
C LYS A 157 6.40 -36.69 20.26
N LYS A 158 5.70 -37.24 19.27
CA LYS A 158 6.17 -37.22 17.89
C LYS A 158 5.98 -35.83 17.30
N SER A 159 7.02 -35.00 17.43
CA SER A 159 6.97 -33.60 16.99
C SER A 159 7.15 -33.44 15.49
N TRP A 160 6.37 -32.54 14.91
CA TRP A 160 6.53 -32.12 13.53
C TRP A 160 7.92 -31.51 13.36
N ASP A 161 8.66 -31.97 12.35
CA ASP A 161 9.96 -31.39 12.02
C ASP A 161 9.72 -30.01 11.38
N SER A 162 9.86 -28.96 12.18
CA SER A 162 9.58 -27.60 11.74
C SER A 162 10.56 -27.10 10.68
N ASN A 163 11.70 -27.78 10.56
CA ASN A 163 12.70 -27.43 9.56
C ASN A 163 12.35 -27.83 8.15
N CYS A 164 11.31 -28.66 8.00
CA CYS A 164 10.77 -28.99 6.67
C CYS A 164 9.92 -27.83 6.10
N ILE A 165 9.59 -26.86 6.95
CA ILE A 165 8.88 -25.65 6.52
C ILE A 165 9.91 -24.63 6.04
N THR A 166 10.53 -24.96 4.90
CA THR A 166 11.67 -24.22 4.33
C THR A 166 11.66 -24.54 2.84
N PRO A 167 11.94 -23.56 1.98
CA PRO A 167 12.01 -23.80 0.54
C PRO A 167 12.98 -24.94 0.18
N GLY A 168 12.55 -25.80 -0.75
CA GLY A 168 13.40 -26.89 -1.25
C GLY A 168 13.13 -28.27 -0.70
N THR A 169 12.20 -28.36 0.26
CA THR A 169 11.82 -29.63 0.88
C THR A 169 10.61 -30.24 0.15
N PRO A 170 10.47 -31.56 0.21
CA PRO A 170 9.30 -32.25 -0.34
C PRO A 170 7.97 -31.73 0.20
N PHE A 171 7.92 -31.38 1.48
CA PHE A 171 6.69 -30.84 2.09
C PHE A 171 6.23 -29.53 1.44
N ASP A 173 6.45 -28.86 -1.70
CA ASP A 173 5.72 -29.31 -2.89
C ASP A 173 4.29 -29.72 -2.55
N THR A 174 4.13 -30.36 -1.39
CA THR A 174 2.83 -30.80 -0.89
C THR A 174 1.98 -29.60 -0.52
N LEU A 175 2.57 -28.68 0.25
CA LEU A 175 1.90 -27.44 0.63
C LEU A 175 1.38 -26.68 -0.60
N ALA A 176 2.25 -26.48 -1.59
CA ALA A 176 1.89 -25.76 -2.81
C ALA A 176 0.73 -26.42 -3.57
N LYS A 177 0.84 -27.73 -3.77
CA LYS A 177 -0.16 -28.51 -4.49
C LYS A 177 -1.51 -28.52 -3.76
N SER A 178 -1.47 -28.65 -2.43
CA SER A 178 -2.66 -28.61 -1.59
C SER A 178 -3.34 -27.25 -1.61
N LEU A 179 -2.55 -26.18 -1.57
CA LEU A 179 -3.09 -24.82 -1.59
C LEU A 179 -3.63 -24.43 -2.97
N ARG A 180 -3.03 -24.99 -4.04
CA ARG A 180 -3.58 -24.84 -5.39
C ARG A 180 -4.98 -25.43 -5.42
N TYR A 181 -5.12 -26.64 -4.89
CA TYR A 181 -6.41 -27.31 -4.78
C TYR A 181 -7.40 -26.50 -3.94
N TYR A 182 -6.94 -26.04 -2.78
CA TYR A 182 -7.74 -25.27 -1.83
C TYR A 182 -8.34 -24.02 -2.48
N ILE A 183 -7.54 -23.34 -3.30
CA ILE A 183 -7.99 -22.18 -4.06
C ILE A 183 -9.10 -22.57 -5.06
N ILE A 184 -8.87 -23.66 -5.80
CA ILE A 184 -9.82 -24.19 -6.77
C ILE A 184 -11.13 -24.61 -6.09
N ASN A 185 -11.00 -25.21 -4.91
CA ASN A 185 -12.14 -25.49 -4.04
C ASN A 185 -12.96 -24.24 -3.73
N LYS A 186 -12.31 -23.22 -3.16
CA LYS A 186 -12.96 -21.96 -2.80
C LYS A 186 -13.66 -21.29 -3.97
N LEU A 187 -13.04 -21.35 -5.15
CA LEU A 187 -13.60 -20.77 -6.36
C LEU A 187 -14.81 -21.51 -6.92
N ASN A 188 -14.94 -22.78 -6.54
CA ASN A 188 -16.04 -23.63 -6.99
C ASN A 188 -17.03 -24.01 -5.90
N SER A 189 -17.02 -23.28 -4.78
CA SER A 189 -17.93 -23.56 -3.68
C SER A 189 -18.82 -22.35 -3.34
N ASP A 190 -18.48 -21.66 -2.25
CA ASP A 190 -19.24 -20.51 -1.78
C ASP A 190 -19.24 -19.39 -2.84
N PRO A 191 -20.44 -18.95 -3.23
CA PRO A 191 -20.61 -17.85 -4.19
C PRO A 191 -19.93 -16.56 -3.79
N CYS A 192 -19.70 -16.36 -2.49
CA CYS A 192 -19.03 -15.15 -2.00
C CYS A 192 -17.55 -15.02 -2.43
N TRP A 193 -16.96 -16.12 -2.90
CA TRP A 193 -15.57 -16.11 -3.39
C TRP A 193 -15.46 -15.95 -4.91
N ARG A 194 -16.60 -15.86 -5.59
CA ARG A 194 -16.65 -15.74 -7.06
C ARG A 194 -16.02 -14.46 -7.58
N ASN A 195 -16.26 -13.35 -6.88
CA ASN A 195 -15.67 -12.05 -7.22
C ASN A 195 -14.29 -11.82 -6.60
N VAL A 196 -13.78 -12.84 -5.88
CA VAL A 196 -12.46 -12.77 -5.25
C VAL A 196 -11.38 -13.40 -6.14
N ARG A 197 -10.29 -12.68 -6.35
CA ARG A 197 -9.13 -13.21 -7.04
C ARG A 197 -8.15 -13.82 -6.06
N PHE A 198 -7.53 -14.91 -6.47
CA PHE A 198 -6.63 -15.66 -5.60
C PHE A 198 -5.24 -15.69 -6.20
N ILE A 199 -4.26 -15.25 -5.44
CA ILE A 199 -2.87 -15.33 -5.86
C ILE A 199 -2.12 -16.28 -4.93
N LEU A 200 -1.36 -17.19 -5.53
CA LEU A 200 -0.49 -18.07 -4.76
C LEU A 200 0.97 -17.80 -5.08
N SER A 201 1.70 -17.37 -4.06
CA SER A 201 3.14 -17.16 -4.17
C SER A 201 3.85 -18.17 -3.30
N ASP A 202 4.20 -19.32 -3.89
CA ASP A 202 4.75 -20.43 -3.12
C ASP A 202 6.26 -20.30 -2.83
N ALA A 203 6.82 -21.32 -2.20
CA ALA A 203 8.19 -21.27 -1.71
C ALA A 203 9.26 -21.29 -2.80
N SER A 204 8.86 -21.59 -4.04
CA SER A 204 9.78 -21.55 -5.18
C SER A 204 9.91 -20.13 -5.76
N VAL A 205 9.11 -19.20 -5.22
CA VAL A 205 9.21 -17.78 -5.55
C VAL A 205 10.00 -17.06 -4.43
N PRO A 206 11.22 -16.60 -4.73
CA PRO A 206 12.13 -16.06 -3.71
C PRO A 206 11.58 -14.86 -2.94
N GLY A 207 11.98 -14.77 -1.68
CA GLY A 207 11.56 -13.67 -0.80
C GLY A 207 10.74 -14.16 0.37
N GLU A 208 10.91 -13.52 1.52
CA GLU A 208 10.07 -13.77 2.69
C GLU A 208 8.61 -13.52 2.32
N GLY A 209 7.71 -14.35 2.84
CA GLY A 209 6.27 -14.18 2.60
C GLY A 209 5.79 -12.77 2.89
N GLU A 210 6.11 -12.29 4.08
CA GLU A 210 5.91 -10.90 4.50
C GLU A 210 6.30 -9.86 3.46
N HIS A 211 7.50 -10.01 2.92
CA HIS A 211 8.05 -9.02 2.00
C HIS A 211 7.47 -9.12 0.59
N LYS A 212 7.13 -10.33 0.17
CA LYS A 212 6.42 -10.53 -1.09
C LYS A 212 5.02 -9.87 -1.06
N ILE A 213 4.40 -9.85 0.12
CA ILE A 213 3.13 -9.15 0.33
C ILE A 213 3.31 -7.63 0.20
N GLU A 215 5.81 -5.99 -1.20
CA GLU A 215 6.25 -5.68 -2.55
C GLU A 215 5.09 -5.71 -3.53
N PHE A 216 4.14 -6.63 -3.33
CA PHE A 216 2.89 -6.62 -4.08
C PHE A 216 2.10 -5.34 -3.86
N ILE A 217 1.96 -4.92 -2.60
CA ILE A 217 1.23 -3.69 -2.29
C ILE A 217 1.86 -2.46 -2.98
N ARG A 218 3.18 -2.29 -2.85
CA ARG A 218 3.93 -1.22 -3.55
C ARG A 218 3.72 -1.23 -5.05
N SER A 219 3.66 -2.42 -5.65
CA SER A 219 3.55 -2.56 -7.09
C SER A 219 2.18 -2.11 -7.61
N GLN A 220 1.15 -2.23 -6.76
CA GLN A 220 -0.20 -1.85 -7.13
C GLN A 220 -0.50 -0.38 -6.86
N ARG A 221 -0.04 0.11 -5.70
CA ARG A 221 -0.17 1.53 -5.26
C ARG A 221 0.24 2.54 -6.31
N VAL A 222 1.21 2.11 -7.10
CA VAL A 222 1.96 2.92 -8.04
C VAL A 222 1.16 3.14 -9.34
N LYS A 223 0.16 2.31 -9.55
CA LYS A 223 -0.68 2.37 -10.73
C LYS A 223 -1.76 3.44 -10.56
N PRO A 224 -1.91 4.31 -11.56
CA PRO A 224 -2.93 5.38 -11.53
C PRO A 224 -4.35 4.91 -11.28
N GLU A 225 -4.71 3.74 -11.80
CA GLU A 225 -6.09 3.21 -11.68
C GLU A 225 -6.30 2.38 -10.41
N TYR A 226 -5.31 2.36 -9.54
CA TYR A 226 -5.41 1.67 -8.26
C TYR A 226 -6.37 2.39 -7.33
N ASP A 227 -7.18 1.62 -6.61
CA ASP A 227 -8.12 2.16 -5.63
C ASP A 227 -7.34 2.65 -4.40
N PRO A 228 -7.33 3.96 -4.17
CA PRO A 228 -6.57 4.55 -3.06
C PRO A 228 -7.18 4.27 -1.69
N ASN A 229 -8.36 3.65 -1.67
CA ASN A 229 -9.01 3.29 -0.41
C ASN A 229 -9.20 1.78 -0.23
N THR A 230 -8.24 1.03 -0.75
CA THR A 230 -8.19 -0.42 -0.58
C THR A 230 -7.97 -0.77 0.90
N HIS A 231 -8.81 -1.66 1.42
CA HIS A 231 -8.73 -2.10 2.82
C HIS A 231 -7.88 -3.37 2.91
N HIS A 232 -6.73 -3.26 3.56
CA HIS A 232 -5.76 -4.35 3.65
C HIS A 232 -5.81 -5.07 4.99
N VAL A 233 -5.79 -6.40 4.94
CA VAL A 233 -5.62 -7.23 6.13
C VAL A 233 -4.49 -8.23 5.87
N VAL A 234 -3.48 -8.19 6.73
CA VAL A 234 -2.38 -9.15 6.63
C VAL A 234 -2.36 -10.05 7.86
N TYR A 235 -2.37 -11.36 7.62
CA TYR A 235 -2.11 -12.32 8.68
C TYR A 235 -0.65 -12.70 8.66
N GLY A 236 -0.01 -12.65 9.82
CA GLY A 236 1.38 -13.05 9.99
C GLY A 236 1.77 -12.99 11.45
N LEU A 237 2.82 -13.73 11.80
CA LEU A 237 3.24 -13.82 13.21
C LEU A 237 4.54 -13.06 13.52
N ASP A 238 5.24 -12.60 12.49
CA ASP A 238 6.48 -11.89 12.68
C ASP A 238 6.26 -10.60 13.45
N ALA A 239 7.17 -10.32 14.39
CA ALA A 239 7.13 -9.08 15.17
C ALA A 239 7.21 -7.87 14.26
N ASP A 240 7.92 -8.05 13.14
CA ASP A 240 8.07 -7.09 12.05
C ASP A 240 6.80 -6.53 11.44
N LEU A 241 5.76 -7.35 11.37
CA LEU A 241 4.62 -7.12 10.48
C LEU A 241 4.00 -5.73 10.57
N ILE A 242 3.84 -5.22 11.79
CA ILE A 242 3.21 -3.91 11.98
C ILE A 242 4.12 -2.75 11.52
N LEU A 244 6.08 -3.08 8.89
CA LEU A 244 5.87 -3.18 7.46
C LEU A 244 4.53 -2.54 7.06
N GLY A 245 3.52 -2.70 7.91
CA GLY A 245 2.21 -2.08 7.72
C GLY A 245 2.29 -0.57 7.67
N LEU A 246 3.06 0.02 8.59
CA LEU A 246 3.30 1.47 8.58
C LEU A 246 4.07 1.90 7.34
N ALA A 247 5.09 1.12 6.96
CA ALA A 247 5.98 1.42 5.84
C ALA A 247 5.24 1.48 4.51
N THR A 248 4.04 0.91 4.51
CA THR A 248 3.21 0.72 3.34
C THR A 248 2.55 2.06 2.94
N HIS A 249 2.30 2.90 3.94
CA HIS A 249 1.58 4.19 3.80
C HIS A 249 0.21 4.04 3.15
N GLU A 250 -0.39 2.89 3.40
CA GLU A 250 -1.79 2.64 3.15
C GLU A 250 -2.48 2.65 4.51
N PRO A 251 -3.25 3.71 4.79
CA PRO A 251 -3.91 3.88 6.08
C PRO A 251 -4.98 2.82 6.40
N HIS A 252 -5.68 2.31 5.37
CA HIS A 252 -6.66 1.26 5.58
C HIS A 252 -5.93 -0.09 5.69
N PHE A 253 -5.35 -0.33 6.86
CA PHE A 253 -4.46 -1.46 7.05
C PHE A 253 -4.57 -1.98 8.48
N ARG A 254 -4.80 -3.28 8.61
CA ARG A 254 -4.69 -3.94 9.91
C ARG A 254 -4.05 -5.34 9.86
N VAL A 255 -3.43 -5.69 10.98
CA VAL A 255 -2.80 -7.01 11.14
C VAL A 255 -3.78 -7.95 11.85
N LEU A 256 -3.89 -9.16 11.34
CA LEU A 256 -4.65 -10.21 12.03
C LEU A 256 -3.67 -11.19 12.69
N ARG A 257 -3.97 -11.57 13.94
CA ARG A 257 -3.13 -12.47 14.72
C ARG A 257 -3.95 -13.11 15.83
N GLU A 258 -3.54 -14.30 16.27
CA GLU A 258 -4.11 -14.90 17.48
C GLU A 258 -3.75 -14.03 18.69
N ASP A 259 -4.68 -13.92 19.63
CA ASP A 259 -4.48 -13.12 20.83
C ASP A 259 -3.32 -13.66 21.67
N VAL A 260 -2.29 -12.84 21.83
CA VAL A 260 -1.08 -13.21 22.58
C VAL A 260 -1.34 -13.17 24.09
N PHE A 261 -2.23 -12.27 24.51
CA PHE A 261 -2.50 -12.03 25.93
C PHE A 261 -3.36 -13.12 26.57
N LYS A 271 10.35 -28.71 36.60
CA LYS A 271 10.97 -29.70 35.73
C LYS A 271 9.93 -30.61 35.06
N GLU A 272 8.91 -30.98 35.84
CA GLU A 272 7.81 -31.83 35.38
C GLU A 272 7.01 -31.14 34.28
N GLU A 273 6.79 -29.83 34.45
CA GLU A 273 6.00 -29.03 33.53
C GLU A 273 6.67 -28.85 32.17
N ARG A 274 7.97 -28.50 32.19
CA ARG A 274 8.70 -28.15 30.97
C ARG A 274 9.09 -29.33 30.09
N LEU A 275 9.23 -30.51 30.70
CA LEU A 275 9.63 -31.71 29.96
C LEU A 275 8.46 -32.42 29.27
N GLY A 276 7.24 -32.02 29.62
CA GLY A 276 6.03 -32.63 29.07
C GLY A 276 5.76 -34.01 29.64
N ILE A 277 6.03 -34.16 30.94
CA ILE A 277 5.84 -35.43 31.64
C ILE A 277 4.35 -35.74 31.77
N LYS A 278 3.96 -36.94 31.31
CA LYS A 278 2.59 -37.41 31.43
C LYS A 278 2.54 -38.82 32.00
N ARG A 279 1.58 -39.04 32.91
CA ARG A 279 1.46 -40.31 33.61
C ARG A 279 0.23 -41.08 33.16
N LEU A 280 0.35 -42.41 33.16
CA LEU A 280 -0.77 -43.29 32.80
C LEU A 280 -1.93 -43.17 33.78
N ASP A 281 -1.62 -42.93 35.05
CA ASP A 281 -2.62 -42.91 36.11
C ASP A 281 -3.24 -41.54 36.42
N ASP A 282 -3.00 -40.56 35.54
CA ASP A 282 -3.61 -39.25 35.66
C ASP A 282 -4.93 -39.16 34.87
N LYS A 293 -9.61 -19.82 21.63
CA LYS A 293 -8.46 -19.22 20.93
C LYS A 293 -8.90 -18.00 20.11
N PRO A 294 -9.09 -16.86 20.77
CA PRO A 294 -9.57 -15.65 20.09
C PRO A 294 -8.47 -14.99 19.26
N PHE A 295 -8.89 -14.26 18.22
CA PHE A 295 -7.97 -13.50 17.38
C PHE A 295 -8.07 -12.01 17.72
N ILE A 296 -7.02 -11.27 17.39
CA ILE A 296 -7.03 -9.81 17.56
C ILE A 296 -6.69 -9.06 16.27
N TRP A 297 -7.28 -7.87 16.12
CA TRP A 297 -6.86 -6.91 15.10
C TRP A 297 -5.78 -6.01 15.68
N LEU A 298 -4.81 -5.66 14.85
CA LEU A 298 -3.91 -4.56 15.17
C LEU A 298 -4.15 -3.49 14.10
N ASN A 299 -4.84 -2.42 14.47
CA ASN A 299 -5.24 -1.37 13.52
C ASN A 299 -4.12 -0.36 13.31
N VAL A 300 -3.51 -0.39 12.12
CA VAL A 300 -2.39 0.48 11.79
C VAL A 300 -2.82 1.95 11.65
N SER A 301 -4.07 2.17 11.27
CA SER A 301 -4.61 3.52 11.18
C SER A 301 -4.68 4.20 12.56
N ILE A 302 -5.10 3.43 13.57
CA ILE A 302 -5.11 3.91 14.96
C ILE A 302 -3.67 4.12 15.48
N LEU A 303 -2.74 3.28 15.04
CA LEU A 303 -1.32 3.47 15.39
C LEU A 303 -0.80 4.79 14.83
N ARG A 304 -1.19 5.11 13.59
CA ARG A 304 -0.86 6.38 12.94
C ARG A 304 -1.38 7.59 13.73
N GLU A 305 -2.58 7.47 14.29
CA GLU A 305 -3.19 8.52 15.13
C GLU A 305 -2.33 8.79 16.36
N TYR A 306 -2.00 7.73 17.08
CA TYR A 306 -1.13 7.79 18.24
C TYR A 306 0.21 8.47 17.92
N LEU A 307 0.81 8.09 16.80
CA LEU A 307 2.12 8.61 16.39
C LEU A 307 2.05 10.08 15.95
N GLU A 308 0.89 10.51 15.48
CA GLU A 308 0.70 11.92 15.13
C GLU A 308 0.80 12.80 16.38
N VAL A 309 0.17 12.35 17.47
CA VAL A 309 0.22 13.04 18.76
C VAL A 309 1.61 12.91 19.38
N GLU A 310 2.19 11.71 19.24
CA GLU A 310 3.50 11.38 19.79
C GLU A 310 4.65 12.10 19.09
N LEU A 311 4.56 12.23 17.77
CA LEU A 311 5.70 12.71 16.97
C LEU A 311 5.62 14.17 16.49
N TYR A 312 4.47 14.82 16.69
CA TYR A 312 4.34 16.21 16.26
C TYR A 312 5.28 17.12 17.03
N VAL A 313 6.02 17.94 16.30
CA VAL A 313 6.93 18.92 16.88
C VAL A 313 6.57 20.29 16.32
N PRO A 314 6.21 21.23 17.20
CA PRO A 314 5.83 22.59 16.79
C PRO A 314 7.02 23.44 16.35
N ASN A 315 6.73 24.50 15.60
CA ASN A 315 7.70 25.54 15.22
C ASN A 315 8.93 25.03 14.44
N LEU A 316 8.75 24.00 13.63
CA LEU A 316 9.83 23.46 12.79
C LEU A 316 10.15 24.42 11.64
N PRO A 317 11.41 24.47 11.21
CA PRO A 317 11.82 25.31 10.08
C PRO A 317 11.58 24.64 8.72
N PHE A 318 10.87 23.52 8.75
CA PHE A 318 10.48 22.79 7.56
C PHE A 318 9.11 22.19 7.87
N PRO A 319 8.32 21.83 6.86
CA PRO A 319 6.95 21.35 7.10
C PRO A 319 6.94 20.04 7.90
N PHE A 320 6.00 19.94 8.84
CA PHE A 320 5.74 18.67 9.49
C PHE A 320 5.04 17.74 8.51
N ASP A 321 5.48 16.49 8.50
CA ASP A 321 4.97 15.50 7.58
C ASP A 321 4.81 14.19 8.35
N LEU A 322 3.57 13.80 8.62
CA LEU A 322 3.28 12.59 9.38
C LEU A 322 3.92 11.36 8.75
N GLU A 323 3.87 11.30 7.42
CA GLU A 323 4.47 10.18 6.67
C GLU A 323 5.99 10.10 6.85
N ARG A 324 6.65 11.25 6.85
CA ARG A 324 8.10 11.33 7.10
C ARG A 324 8.44 10.97 8.55
N ALA A 325 7.62 11.45 9.49
CA ALA A 325 7.78 11.17 10.91
C ALA A 325 7.67 9.68 11.23
N ILE A 326 6.65 9.03 10.66
CA ILE A 326 6.43 7.58 10.80
C ILE A 326 7.64 6.78 10.33
N ASP A 327 8.20 7.15 9.18
CA ASP A 327 9.37 6.48 8.63
C ASP A 327 10.59 6.58 9.55
N ASP A 328 10.82 7.77 10.09
CA ASP A 328 11.87 7.99 11.09
C ASP A 328 11.68 7.05 12.27
N TRP A 329 10.44 6.96 12.76
CA TRP A 329 10.08 6.14 13.91
C TRP A 329 10.32 4.65 13.63
N VAL A 330 10.00 4.21 12.42
CA VAL A 330 10.33 2.86 11.96
C VAL A 330 11.85 2.64 11.96
N PHE A 331 12.60 3.64 11.46
CA PHE A 331 14.07 3.56 11.40
C PHE A 331 14.81 3.56 12.75
N PHE A 332 14.61 4.56 13.61
CA PHE A 332 15.39 4.58 14.86
C PHE A 332 15.06 3.41 15.80
N ILE A 333 13.94 2.74 15.55
CA ILE A 333 13.61 1.50 16.27
C ILE A 333 14.58 0.36 15.89
N PHE A 334 15.20 0.42 14.72
CA PHE A 334 16.26 -0.54 14.35
C PHE A 334 17.37 -0.61 15.40
N PHE A 335 17.61 0.50 16.08
CA PHE A 335 18.68 0.58 17.09
C PHE A 335 18.46 -0.36 18.28
N VAL A 336 17.19 -0.68 18.57
CA VAL A 336 16.87 -1.56 19.69
C VAL A 336 17.02 -3.03 19.32
N GLY A 337 17.40 -3.28 18.07
CA GLY A 337 17.65 -4.61 17.57
C GLY A 337 16.48 -5.20 16.80
N ASN A 338 16.82 -5.90 15.72
CA ASN A 338 15.86 -6.65 14.93
C ASN A 338 16.51 -7.92 14.37
N ASP A 339 15.92 -8.51 13.35
CA ASP A 339 16.43 -9.78 12.77
C ASP A 339 17.82 -9.69 12.14
N PHE A 340 18.23 -8.48 11.80
CA PHE A 340 19.39 -8.27 10.94
C PHE A 340 20.54 -7.56 11.65
N LEU A 341 20.25 -6.98 12.82
CA LEU A 341 21.24 -6.24 13.59
C LEU A 341 21.04 -6.49 15.08
N PRO A 342 22.14 -6.61 15.83
CA PRO A 342 22.07 -6.69 17.28
C PRO A 342 21.70 -5.33 17.86
N HIS A 343 21.03 -5.35 19.00
CA HIS A 343 20.73 -4.13 19.73
C HIS A 343 22.05 -3.47 20.12
N LEU A 344 22.09 -2.14 20.08
CA LEU A 344 23.19 -1.39 20.66
C LEU A 344 23.21 -1.70 22.16
N PRO A 345 24.40 -1.83 22.75
CA PRO A 345 24.55 -2.29 24.13
C PRO A 345 23.70 -1.52 25.16
N SER A 346 23.46 -0.24 24.89
CA SER A 346 22.75 0.64 25.81
C SER A 346 21.23 0.71 25.58
N LEU A 347 20.75 0.07 24.52
CA LEU A 347 19.34 0.16 24.13
C LEU A 347 18.58 -1.16 24.26
N ASP A 348 17.55 -1.13 25.09
CA ASP A 348 16.65 -2.26 25.26
C ASP A 348 15.20 -1.75 25.34
N ILE A 349 14.35 -2.30 24.49
CA ILE A 349 12.93 -1.93 24.43
C ILE A 349 12.22 -2.03 25.80
N ARG A 350 12.65 -2.99 26.62
CA ARG A 350 12.11 -3.18 27.97
C ARG A 350 12.49 -2.05 28.92
N ASP A 351 13.66 -1.44 28.67
CA ASP A 351 14.17 -0.34 29.49
C ASP A 351 13.75 1.04 28.95
N GLY A 352 12.72 1.05 28.10
CA GLY A 352 12.19 2.28 27.51
C GLY A 352 13.09 2.92 26.46
N ALA A 353 13.73 2.09 25.65
CA ALA A 353 14.62 2.61 24.59
C ALA A 353 13.87 3.34 23.48
N VAL A 354 12.69 2.83 23.12
CA VAL A 354 11.86 3.44 22.08
C VAL A 354 11.43 4.85 22.49
N GLU A 355 11.00 4.99 23.75
CA GLU A 355 10.62 6.28 24.33
C GLU A 355 11.80 7.24 24.41
N ARG A 356 12.97 6.71 24.79
CA ARG A 356 14.21 7.48 24.85
C ARG A 356 14.62 8.01 23.48
N LEU A 357 14.58 7.14 22.47
CA LEU A 357 14.93 7.51 21.09
C LEU A 357 13.95 8.52 20.49
N THR A 358 12.67 8.36 20.83
CA THR A 358 11.63 9.28 20.40
C THR A 358 11.88 10.70 20.96
N GLU A 359 12.28 10.77 22.23
CA GLU A 359 12.59 12.06 22.88
C GLU A 359 13.82 12.76 22.32
N ILE A 360 14.84 11.97 22.00
CA ILE A 360 16.05 12.48 21.33
C ILE A 360 15.71 13.00 19.93
N TRP A 361 14.93 12.21 19.19
CA TRP A 361 14.46 12.61 17.85
C TRP A 361 13.69 13.93 17.89
N ARG A 362 12.73 14.05 18.81
CA ARG A 362 11.91 15.25 18.96
C ARG A 362 12.76 16.50 19.26
N ALA A 363 13.75 16.33 20.13
CA ALA A 363 14.65 17.41 20.51
C ALA A 363 15.62 17.80 19.40
N SER A 364 16.09 16.81 18.64
CA SER A 364 17.06 17.02 17.57
C SER A 364 16.45 17.60 16.28
N LEU A 365 15.23 17.15 15.97
CA LEU A 365 14.53 17.48 14.72
C LEU A 365 14.53 18.97 14.27
N PRO A 366 14.23 19.91 15.18
CA PRO A 366 14.21 21.33 14.80
C PRO A 366 15.56 21.89 14.32
N HIS A 367 16.65 21.29 14.77
CA HIS A 367 17.99 21.80 14.49
C HIS A 367 18.77 20.91 13.52
N GLY A 369 17.92 19.94 10.34
CA GLY A 369 17.84 20.27 8.92
C GLY A 369 16.68 19.59 8.22
N GLY A 370 16.22 18.47 8.78
CA GLY A 370 15.11 17.71 8.22
C GLY A 370 14.96 16.35 8.89
N TYR A 371 14.35 15.40 8.19
CA TYR A 371 14.08 14.07 8.75
C TYR A 371 15.26 13.12 8.59
N LEU A 372 15.39 12.20 9.55
CA LEU A 372 16.42 11.14 9.55
C LEU A 372 16.43 10.37 8.23
N THR A 373 15.25 10.23 7.66
CA THR A 373 14.96 9.20 6.67
C THR A 373 14.30 9.83 5.44
N LEU A 374 14.66 9.34 4.25
CA LEU A 374 14.08 9.84 3.00
C LEU A 374 13.77 8.70 2.03
N ASP A 375 12.50 8.32 1.98
CA ASP A 375 12.02 7.26 1.09
C ASP A 375 12.94 6.02 1.09
N GLY A 376 13.29 5.55 2.28
CA GLY A 376 14.13 4.36 2.44
C GLY A 376 15.63 4.61 2.49
N SER A 377 16.03 5.87 2.36
CA SER A 377 17.43 6.28 2.52
C SER A 377 17.66 6.95 3.86
N VAL A 378 18.86 6.77 4.39
CA VAL A 378 19.26 7.28 5.69
C VAL A 378 20.16 8.49 5.50
N ASN A 379 19.84 9.58 6.21
CA ASN A 379 20.75 10.72 6.32
C ASN A 379 21.73 10.44 7.45
N LEU A 380 22.95 10.06 7.08
CA LEU A 380 23.96 9.61 8.04
C LEU A 380 24.43 10.71 8.98
N ALA A 381 24.46 11.94 8.50
CA ALA A 381 24.78 13.10 9.35
C ALA A 381 23.75 13.25 10.47
N ARG A 382 22.48 13.02 10.14
CA ARG A 382 21.38 13.12 11.10
C ARG A 382 21.31 11.91 12.03
N ALA A 383 21.66 10.73 11.49
CA ALA A 383 21.79 9.51 12.30
C ALA A 383 22.82 9.72 13.41
N GLU A 384 23.94 10.35 13.06
CA GLU A 384 25.00 10.63 14.03
C GLU A 384 24.55 11.56 15.15
N VAL A 385 23.63 12.48 14.85
CA VAL A 385 23.05 13.37 15.86
C VAL A 385 22.27 12.57 16.91
N ILE A 386 21.39 11.69 16.44
CA ILE A 386 20.60 10.82 17.32
C ILE A 386 21.50 9.91 18.16
N LEU A 387 22.50 9.31 17.52
CA LEU A 387 23.38 8.32 18.16
C LEU A 387 24.36 8.93 19.17
N SER A 388 24.82 10.15 18.89
CA SER A 388 25.68 10.90 19.81
C SER A 388 24.97 11.19 21.13
N ALA A 389 23.69 11.53 21.06
CA ALA A 389 22.88 11.77 22.25
C ALA A 389 22.67 10.49 23.07
N VAL A 390 22.59 9.35 22.39
CA VAL A 390 22.55 8.05 23.07
C VAL A 390 23.91 7.75 23.70
N GLY A 391 24.97 7.99 22.93
CA GLY A 391 26.34 7.75 23.37
C GLY A 391 26.76 8.55 24.59
N ASN A 392 26.21 9.76 24.73
CA ASN A 392 26.46 10.61 25.89
C ASN A 392 25.75 10.11 27.15
N GLN A 393 24.72 9.30 26.96
CA GLN A 393 23.90 8.81 28.06
C GLN A 393 24.29 7.43 28.58
N GLU A 394 25.01 6.66 27.77
CA GLU A 394 25.25 5.24 28.09
C GLU A 394 26.09 4.97 29.35
N ASP A 395 27.10 5.80 29.61
CA ASP A 395 27.84 5.73 30.88
C ASP A 395 26.87 5.65 32.05
N ASP A 396 25.90 6.54 32.06
CA ASP A 396 24.85 6.60 33.08
C ASP A 396 23.83 5.47 32.96
N ILE A 397 23.44 5.12 31.73
CA ILE A 397 22.46 4.06 31.48
C ILE A 397 22.91 2.74 32.10
N PHE A 398 24.17 2.38 31.87
CA PHE A 398 24.74 1.13 32.42
C PHE A 398 24.85 1.18 33.94
N LYS A 399 25.10 2.37 34.48
CA LYS A 399 25.11 2.58 35.92
C LYS A 399 23.72 2.44 36.53
N ARG A 400 22.76 3.18 35.96
CA ARG A 400 21.36 3.13 36.40
C ARG A 400 20.80 1.70 36.38
N LEU A 401 21.05 0.98 35.29
CA LEU A 401 20.56 -0.39 35.12
C LEU A 401 21.07 -1.33 36.21
N LYS A 402 22.35 -1.22 36.55
CA LYS A 402 22.96 -2.03 37.60
C LYS A 402 22.45 -1.63 38.98
N GLN A 403 22.25 -0.33 39.17
CA GLN A 403 21.69 0.21 40.41
C GLN A 403 20.27 -0.32 40.67
N GLN A 404 19.47 -0.38 39.61
CA GLN A 404 18.10 -0.89 39.69
C GLN A 404 18.07 -2.41 39.81
N GLU A 405 19.07 -3.07 39.21
CA GLU A 405 19.15 -4.54 39.22
C GLU A 405 19.52 -5.06 40.60
N ASP A 406 20.25 -4.26 41.37
CA ASP A 406 20.63 -4.60 42.74
C ASP A 406 19.45 -4.46 43.70
N ARG A 407 18.40 -3.78 43.25
CA ARG A 407 17.14 -3.68 43.98
C ARG A 407 16.21 -4.81 43.53
N ARG A 408 16.62 -6.04 43.83
CA ARG A 408 15.84 -7.24 43.47
C ARG A 408 15.49 -8.06 44.72
N ASN A 409 16.28 -7.89 45.78
CA ASN A 409 16.10 -8.63 47.03
C ASN A 409 15.67 -7.70 48.18
N ASP A 585 29.67 -10.59 35.61
CA ASP A 585 30.27 -10.65 34.27
C ASP A 585 31.71 -10.13 34.30
N THR A 586 32.37 -10.13 33.14
CA THR A 586 33.77 -9.70 33.04
C THR A 586 33.89 -8.34 32.35
N VAL A 587 32.83 -7.92 31.67
CA VAL A 587 32.80 -6.66 30.91
C VAL A 587 32.69 -5.45 31.83
N ARG A 588 31.73 -5.48 32.75
CA ARG A 588 31.54 -4.45 33.76
C ARG A 588 31.19 -3.09 33.13
N LEU A 589 30.03 -3.02 32.48
CA LEU A 589 29.57 -1.82 31.78
C LEU A 589 29.33 -0.62 32.72
N TYR A 590 28.94 -0.94 33.96
CA TYR A 590 28.67 0.06 35.00
C TYR A 590 29.97 0.59 35.65
N GLU A 591 31.12 0.15 35.13
CA GLU A 591 32.41 0.44 35.70
C GLU A 591 33.30 1.08 34.63
N PRO A 592 34.08 2.10 35.00
CA PRO A 592 35.03 2.74 34.07
C PRO A 592 35.96 1.76 33.35
N GLY A 593 36.29 2.06 32.10
CA GLY A 593 37.16 1.21 31.28
C GLY A 593 36.45 0.15 30.47
N TYR A 594 35.12 0.11 30.59
CA TYR A 594 34.29 -0.94 29.99
C TYR A 594 34.40 -1.06 28.47
N ARG A 595 34.66 0.07 27.79
CA ARG A 595 34.84 0.11 26.34
C ARG A 595 35.90 -0.90 25.89
N GLU A 596 37.06 -0.87 26.54
CA GLU A 596 38.16 -1.77 26.24
C GLU A 596 37.83 -3.23 26.51
N ARG A 597 37.17 -3.49 27.63
CA ARG A 597 36.80 -4.85 28.04
C ARG A 597 35.74 -5.46 27.11
N TYR A 598 34.72 -4.66 26.78
CA TYR A 598 33.66 -5.08 25.86
C TYR A 598 34.24 -5.46 24.49
N TYR A 599 35.03 -4.56 23.92
CA TYR A 599 35.59 -4.80 22.59
C TYR A 599 36.64 -5.92 22.55
N GLU A 600 37.32 -6.14 23.68
CA GLU A 600 38.33 -7.20 23.76
C GLU A 600 37.69 -8.57 24.00
N GLN A 601 36.61 -8.59 24.79
CA GLN A 601 35.95 -9.84 25.14
C GLN A 601 34.93 -10.31 24.10
N LYS A 602 34.16 -9.37 23.56
CA LYS A 602 33.09 -9.70 22.63
C LYS A 602 33.55 -9.67 21.18
N PHE A 603 34.35 -8.67 20.83
CA PHE A 603 34.84 -8.50 19.45
C PHE A 603 36.25 -9.05 19.25
N HIS A 604 36.94 -9.33 20.34
CA HIS A 604 38.37 -9.70 20.34
C HIS A 604 39.23 -8.62 19.69
N ILE A 605 38.88 -7.38 19.99
CA ILE A 605 39.63 -6.20 19.56
C ILE A 605 40.40 -5.65 20.76
N SER A 606 41.72 -5.70 20.68
CA SER A 606 42.58 -5.09 21.68
C SER A 606 42.56 -3.56 21.50
N PRO A 607 42.81 -2.79 22.57
CA PRO A 607 42.85 -1.33 22.48
C PRO A 607 43.89 -0.82 21.48
N ASP A 608 44.80 -1.72 21.10
CA ASP A 608 45.85 -1.46 20.11
C ASP A 608 45.29 -1.29 18.69
N GLU A 609 44.14 -1.91 18.43
CA GLU A 609 43.54 -1.92 17.09
C GLU A 609 42.24 -1.10 17.02
N PRO A 610 42.35 0.21 16.79
CA PRO A 610 41.18 1.08 16.77
C PRO A 610 40.41 1.06 15.45
N GLU A 611 41.03 0.56 14.38
CA GLU A 611 40.40 0.51 13.07
C GLU A 611 39.42 -0.66 12.93
N LYS A 612 39.52 -1.61 13.84
CA LYS A 612 38.60 -2.76 13.86
C LYS A 612 37.25 -2.39 14.47
N ILE A 613 37.24 -1.37 15.33
CA ILE A 613 36.01 -0.78 15.85
C ILE A 613 35.32 0.01 14.73
N ARG A 614 36.13 0.77 14.00
CA ARG A 614 35.65 1.58 12.87
C ARG A 614 35.02 0.70 11.80
N GLU A 615 35.66 -0.44 11.51
CA GLU A 615 35.12 -1.42 10.58
C GLU A 615 33.80 -2.00 11.09
N ALA A 616 33.70 -2.21 12.40
CA ALA A 616 32.46 -2.71 13.01
C ALA A 616 31.30 -1.72 12.84
N VAL A 617 31.54 -0.44 13.12
CA VAL A 617 30.51 0.59 12.94
C VAL A 617 30.14 0.79 11.47
N LYS A 618 31.13 0.74 10.59
CA LYS A 618 30.89 0.78 9.14
C LYS A 618 29.92 -0.32 8.73
N HIS A 619 30.18 -1.53 9.22
CA HIS A 619 29.33 -2.69 8.94
C HIS A 619 27.91 -2.48 9.45
N TYR A 620 27.79 -1.97 10.68
CA TYR A 620 26.49 -1.72 11.31
C TYR A 620 25.71 -0.64 10.55
N VAL A 621 26.41 0.41 10.14
CA VAL A 621 25.83 1.48 9.33
C VAL A 621 25.28 0.93 8.01
N HIS A 622 26.06 0.08 7.34
CA HIS A 622 25.59 -0.62 6.16
C HIS A 622 24.30 -1.39 6.46
N GLY A 623 24.30 -2.08 7.61
CA GLY A 623 23.13 -2.83 8.07
C GLY A 623 21.87 -2.00 8.20
N LEU A 624 22.01 -0.83 8.83
CA LEU A 624 20.91 0.10 9.02
C LEU A 624 20.31 0.56 7.69
N CYS A 625 21.19 0.81 6.72
CA CYS A 625 20.78 1.21 5.37
C CYS A 625 20.19 0.02 4.62
N TRP A 626 20.75 -1.16 4.84
CA TRP A 626 20.26 -2.39 4.23
C TRP A 626 18.80 -2.66 4.63
N VAL A 627 18.53 -2.60 5.93
CA VAL A 627 17.18 -2.86 6.47
C VAL A 627 16.13 -1.87 5.98
N LEU A 628 16.47 -0.58 5.99
CA LEU A 628 15.53 0.47 5.55
C LEU A 628 15.19 0.38 4.06
N LEU A 629 16.19 0.07 3.23
CA LEU A 629 15.95 -0.16 1.81
C LEU A 629 15.14 -1.42 1.59
N TYR A 630 15.40 -2.44 2.42
CA TYR A 630 14.69 -3.70 2.39
C TYR A 630 13.19 -3.49 2.66
N TYR A 631 12.89 -2.69 3.68
CA TYR A 631 11.52 -2.36 4.06
C TYR A 631 10.79 -1.48 3.04
N TYR A 632 11.53 -0.59 2.38
CA TYR A 632 10.90 0.47 1.58
C TYR A 632 11.10 0.38 0.07
N GLN A 633 12.22 -0.18 -0.38
CA GLN A 633 12.50 -0.25 -1.82
C GLN A 633 12.71 -1.66 -2.36
N GLY A 634 12.91 -2.63 -1.46
CA GLY A 634 13.24 -3.99 -1.86
C GLY A 634 14.67 -4.31 -1.48
N CYS A 635 14.96 -5.62 -1.38
CA CYS A 635 16.27 -6.09 -0.96
C CYS A 635 17.39 -5.50 -1.83
N PRO A 636 18.30 -4.74 -1.22
CA PRO A 636 19.42 -4.15 -1.95
C PRO A 636 20.61 -5.09 -2.13
N SER A 637 20.62 -6.20 -1.38
CA SER A 637 21.68 -7.22 -1.47
C SER A 637 21.26 -8.54 -0.87
N TRP A 638 21.23 -9.57 -1.70
CA TRP A 638 20.86 -10.91 -1.27
C TRP A 638 21.98 -11.64 -0.52
N THR A 639 23.17 -11.06 -0.53
CA THR A 639 24.37 -11.67 0.06
C THR A 639 24.88 -10.95 1.30
N TRP A 640 24.60 -9.65 1.42
CA TRP A 640 25.07 -8.83 2.54
C TRP A 640 24.61 -9.37 3.91
N TYR A 641 25.50 -9.29 4.90
CA TYR A 641 25.16 -9.60 6.29
C TYR A 641 26.07 -8.84 7.26
N TYR A 642 25.59 -8.63 8.47
CA TYR A 642 26.40 -8.05 9.55
C TYR A 642 27.24 -9.17 10.20
N PRO A 643 28.56 -9.10 10.05
CA PRO A 643 29.45 -10.22 10.41
C PRO A 643 29.96 -10.24 11.87
N TYR A 644 29.13 -9.79 12.79
CA TYR A 644 29.42 -9.86 14.23
C TYR A 644 28.18 -10.30 14.99
N HIS A 645 28.37 -10.70 16.23
CA HIS A 645 27.27 -11.12 17.10
C HIS A 645 26.87 -10.01 18.08
N TYR A 646 27.64 -8.93 18.10
CA TYR A 646 27.41 -7.81 19.00
C TYR A 646 27.44 -6.51 18.23
N ALA A 647 26.86 -5.47 18.82
CA ALA A 647 26.91 -4.14 18.24
C ALA A 647 27.97 -3.29 18.94
N PRO A 648 28.54 -2.31 18.23
CA PRO A 648 29.41 -1.32 18.86
C PRO A 648 28.59 -0.37 19.72
N PHE A 649 29.24 0.35 20.64
CA PHE A 649 28.57 1.37 21.44
C PHE A 649 28.13 2.54 20.57
N ALA A 650 27.03 3.19 20.96
CA ALA A 650 26.51 4.33 20.22
C ALA A 650 27.50 5.50 20.17
N ALA A 651 28.36 5.60 21.20
CA ALA A 651 29.42 6.61 21.25
C ALA A 651 30.45 6.47 20.13
N ASP A 652 30.53 5.27 19.54
CA ASP A 652 31.49 5.01 18.48
C ASP A 652 30.94 5.28 17.08
N PHE A 653 29.66 5.66 17.01
CA PHE A 653 29.04 6.05 15.75
C PHE A 653 29.27 7.53 15.46
N LYS A 654 30.54 7.87 15.29
CA LYS A 654 30.99 9.22 14.91
C LYS A 654 31.41 9.23 13.45
N ASP A 655 31.38 10.42 12.83
CA ASP A 655 31.80 10.61 11.44
C ASP A 655 31.10 9.62 10.48
N LEU A 656 29.77 9.60 10.53
CA LEU A 656 29.00 8.64 9.74
C LEU A 656 28.85 9.05 8.28
N ALA A 657 28.85 10.35 8.02
CA ALA A 657 28.58 10.89 6.69
C ALA A 657 29.67 10.54 5.67
N SER A 658 30.88 10.28 6.16
CA SER A 658 32.00 9.90 5.30
C SER A 658 32.01 8.42 4.90
N ILE A 659 31.11 7.63 5.49
CA ILE A 659 31.01 6.21 5.14
C ILE A 659 30.30 6.06 3.79
N ASP A 660 30.99 5.45 2.84
CA ASP A 660 30.43 5.23 1.51
C ASP A 660 29.65 3.92 1.53
N VAL A 661 28.32 4.02 1.60
CA VAL A 661 27.45 2.85 1.65
C VAL A 661 27.12 2.40 0.24
N LYS A 662 27.47 1.16 -0.07
CA LYS A 662 27.17 0.54 -1.35
C LYS A 662 26.83 -0.94 -1.16
N PHE A 663 25.95 -1.44 -2.02
CA PHE A 663 25.54 -2.84 -1.95
C PHE A 663 25.75 -3.56 -3.27
N GLU A 664 26.13 -4.83 -3.17
CA GLU A 664 26.18 -5.71 -4.32
C GLU A 664 24.90 -6.53 -4.29
N LEU A 665 24.02 -6.28 -5.26
CA LEU A 665 22.70 -6.89 -5.26
C LEU A 665 22.77 -8.42 -5.27
N ASN A 666 23.54 -8.96 -6.20
CA ASN A 666 23.63 -10.41 -6.45
C ASN A 666 22.26 -11.06 -6.68
N GLN A 667 22.08 -12.28 -6.18
CA GLN A 667 20.89 -13.09 -6.45
C GLN A 667 20.52 -13.86 -5.20
N PRO A 668 19.24 -14.19 -5.04
CA PRO A 668 18.82 -15.14 -4.00
C PRO A 668 19.53 -16.48 -4.17
N PHE A 669 19.97 -17.08 -3.07
CA PHE A 669 20.61 -18.39 -3.13
C PHE A 669 19.61 -19.43 -3.60
N LYS A 670 20.13 -20.51 -4.17
CA LYS A 670 19.30 -21.66 -4.52
C LYS A 670 18.71 -22.26 -3.24
N PRO A 671 17.49 -22.77 -3.30
CA PRO A 671 16.88 -23.46 -2.16
C PRO A 671 17.82 -24.37 -1.36
N TYR A 672 18.62 -25.20 -2.03
CA TYR A 672 19.51 -26.13 -1.33
C TYR A 672 20.69 -25.41 -0.65
N GLU A 673 21.10 -24.28 -1.22
CA GLU A 673 22.10 -23.44 -0.59
C GLU A 673 21.54 -22.74 0.65
N GLN A 674 20.29 -22.25 0.60
CA GLN A 674 19.67 -21.68 1.79
C GLN A 674 19.55 -22.73 2.90
N LEU A 675 19.13 -23.96 2.54
CA LEU A 675 19.00 -25.05 3.51
C LEU A 675 20.31 -25.34 4.24
N LEU A 676 21.41 -25.38 3.49
CA LEU A 676 22.74 -25.56 4.06
C LEU A 676 23.21 -24.33 4.83
N GLY A 677 22.69 -23.16 4.45
CA GLY A 677 23.01 -21.92 5.14
C GLY A 677 22.17 -21.67 6.40
N VAL A 678 21.22 -22.57 6.66
CA VAL A 678 20.21 -22.37 7.68
C VAL A 678 20.07 -23.58 8.65
N LEU A 679 20.17 -24.80 8.13
CA LEU A 679 19.97 -26.02 8.94
C LEU A 679 21.18 -26.34 9.83
N PRO A 680 20.91 -26.92 11.01
CA PRO A 680 21.94 -27.62 11.76
C PRO A 680 22.05 -29.08 11.30
N ALA A 681 23.20 -29.70 11.57
CA ALA A 681 23.48 -31.07 11.12
C ALA A 681 22.40 -32.08 11.48
N ALA A 682 21.74 -31.89 12.62
CA ALA A 682 20.67 -32.79 13.07
C ALA A 682 19.41 -32.74 12.20
N SER A 683 19.29 -31.71 11.37
CA SER A 683 18.16 -31.56 10.44
C SER A 683 18.52 -31.97 9.02
N LYS A 684 19.61 -32.73 8.88
CA LYS A 684 20.12 -33.20 7.58
C LYS A 684 19.06 -33.81 6.65
N ASN A 685 18.05 -34.45 7.24
CA ASN A 685 16.97 -35.13 6.51
C ASN A 685 16.20 -34.26 5.51
N ASN A 686 16.36 -32.95 5.64
CA ASN A 686 15.65 -31.97 4.81
C ASN A 686 16.35 -31.65 3.49
N LEU A 687 17.55 -32.18 3.32
CA LEU A 687 18.32 -32.01 2.10
C LEU A 687 18.34 -33.27 1.25
N PRO A 688 18.54 -33.13 -0.06
CA PRO A 688 18.83 -34.29 -0.92
C PRO A 688 20.00 -35.08 -0.34
N GLU A 689 19.86 -36.41 -0.36
CA GLU A 689 20.77 -37.33 0.32
C GLU A 689 22.26 -37.08 0.03
N LYS A 690 22.59 -36.73 -1.21
CA LYS A 690 23.98 -36.46 -1.60
C LYS A 690 24.54 -35.14 -1.07
N LEU A 691 23.66 -34.24 -0.62
CA LEU A 691 24.08 -32.97 -0.02
C LEU A 691 24.17 -33.02 1.50
N GLN A 692 23.58 -34.07 2.08
CA GLN A 692 23.57 -34.28 3.53
C GLN A 692 24.97 -34.46 4.11
N THR A 693 25.83 -35.16 3.38
CA THR A 693 27.21 -35.45 3.78
C THR A 693 28.05 -34.21 4.11
N LEU A 694 27.74 -33.09 3.47
CA LEU A 694 28.42 -31.81 3.72
C LEU A 694 28.30 -31.34 5.18
N THR A 696 27.55 -33.65 7.87
CA THR A 696 27.77 -34.74 8.83
C THR A 696 29.13 -35.44 8.72
N ASP A 697 29.67 -35.49 7.50
CA ASP A 697 30.92 -36.19 7.24
C ASP A 697 32.13 -35.40 7.76
N GLU A 698 33.01 -36.08 8.50
CA GLU A 698 34.26 -35.50 9.02
C GLU A 698 35.13 -34.90 7.92
N ASN A 699 35.06 -35.50 6.74
CA ASN A 699 35.91 -35.11 5.62
C ASN A 699 35.23 -34.15 4.64
N SER A 700 34.09 -33.60 5.05
CA SER A 700 33.40 -32.55 4.28
C SER A 700 34.22 -31.26 4.26
N GLU A 701 34.36 -30.68 3.07
CA GLU A 701 35.05 -29.39 2.86
C GLU A 701 34.61 -28.30 3.82
N ILE A 702 33.34 -28.37 4.22
CA ILE A 702 32.70 -27.29 4.98
C ILE A 702 32.14 -27.77 6.32
N ILE A 703 32.76 -28.79 6.89
CA ILE A 703 32.35 -29.37 8.18
C ILE A 703 32.41 -28.35 9.33
N ASP A 704 33.35 -27.40 9.23
CA ASP A 704 33.50 -26.33 10.22
C ASP A 704 32.28 -25.40 10.35
N PHE A 705 31.38 -25.41 9.36
CA PHE A 705 30.15 -24.61 9.41
C PHE A 705 29.08 -25.24 10.30
N TYR A 706 29.28 -26.51 10.66
CA TYR A 706 28.24 -27.28 11.33
C TYR A 706 28.71 -27.99 12.62
N PRO A 707 29.12 -27.23 13.64
CA PRO A 707 29.50 -27.84 14.91
C PRO A 707 28.27 -28.24 15.74
N GLU A 708 28.33 -29.41 16.37
CA GLU A 708 27.26 -29.86 17.27
C GLU A 708 27.26 -29.00 18.52
N ASN A 709 28.46 -28.63 18.99
CA ASN A 709 28.61 -27.84 20.20
C ASN A 709 29.07 -26.42 19.92
N PHE A 710 28.39 -25.47 20.54
CA PHE A 710 28.71 -24.04 20.41
C PHE A 710 28.35 -23.29 21.68
N THR A 711 29.00 -22.15 21.90
CA THR A 711 28.77 -21.33 23.08
C THR A 711 27.59 -20.38 22.88
N ILE A 712 26.76 -20.25 23.91
CA ILE A 712 25.78 -19.18 23.99
C ILE A 712 26.21 -18.21 25.09
N ASP A 713 26.50 -16.97 24.68
CA ASP A 713 26.93 -15.93 25.59
C ASP A 713 25.71 -15.20 26.16
N LEU A 714 25.61 -15.18 27.48
CA LEU A 714 24.48 -14.57 28.17
C LEU A 714 24.43 -13.05 27.99
N ASN A 715 25.61 -12.41 28.03
CA ASN A 715 25.76 -10.98 27.79
C ASN A 715 24.68 -10.16 28.51
N GLY A 716 24.65 -10.26 29.83
CA GLY A 716 23.55 -9.74 30.63
C GLY A 716 22.73 -10.91 31.13
N LYS A 717 23.28 -11.61 32.13
CA LYS A 717 22.72 -12.85 32.68
C LYS A 717 21.20 -12.84 32.90
N LYS A 718 20.54 -13.88 32.38
CA LYS A 718 19.10 -14.05 32.50
C LYS A 718 18.81 -15.55 32.38
N PHE A 719 18.63 -16.01 31.14
CA PHE A 719 18.63 -17.43 30.80
C PHE A 719 19.18 -17.55 29.38
N GLU A 720 19.37 -18.79 28.93
CA GLU A 720 20.02 -19.06 27.64
C GLU A 720 19.24 -18.54 26.42
N TRP A 721 17.93 -18.41 26.56
CA TRP A 721 17.09 -17.82 25.51
C TRP A 721 17.34 -16.31 25.38
N GLN A 722 17.77 -15.70 26.48
CA GLN A 722 18.24 -14.32 26.49
C GLN A 722 19.76 -14.32 26.30
N GLY A 723 20.21 -14.78 25.13
CA GLY A 723 21.64 -14.95 24.88
C GLY A 723 22.03 -14.85 23.41
N VAL A 724 23.35 -14.80 23.18
CA VAL A 724 23.89 -14.71 21.83
C VAL A 724 24.63 -16.00 21.47
N ALA A 725 24.13 -16.71 20.46
CA ALA A 725 24.76 -17.95 20.00
C ALA A 725 25.99 -17.63 19.16
N LEU A 726 27.15 -18.05 19.65
CA LEU A 726 28.41 -17.79 18.96
C LEU A 726 28.69 -18.84 17.88
N LEU A 727 27.99 -18.70 16.75
CA LEU A 727 28.16 -19.57 15.60
C LEU A 727 29.14 -18.99 14.58
N PRO A 728 29.89 -19.84 13.89
CA PRO A 728 30.69 -19.40 12.75
C PRO A 728 29.81 -18.87 11.61
N PHE A 729 30.26 -17.80 10.96
CA PHE A 729 29.59 -17.30 9.77
C PHE A 729 30.06 -18.09 8.56
N ILE A 730 29.10 -18.60 7.79
CA ILE A 730 29.40 -19.33 6.56
C ILE A 730 30.14 -18.45 5.56
N ASP A 731 31.20 -19.03 4.98
CA ASP A 731 31.91 -18.45 3.86
C ASP A 731 31.14 -18.87 2.61
N GLU A 732 30.46 -17.92 1.98
CA GLU A 732 29.55 -18.23 0.87
C GLU A 732 30.22 -18.89 -0.34
N ASN A 733 31.41 -18.42 -0.70
CA ASN A 733 32.19 -19.02 -1.79
C ASN A 733 32.45 -20.51 -1.56
N ARG A 734 32.91 -20.85 -0.37
CA ARG A 734 33.19 -22.23 0.01
C ARG A 734 31.94 -23.11 -0.06
N LEU A 735 30.81 -22.57 0.40
CA LEU A 735 29.53 -23.27 0.33
C LEU A 735 29.09 -23.47 -1.12
N LEU A 736 29.20 -22.43 -1.93
CA LEU A 736 28.85 -22.50 -3.35
C LEU A 736 29.73 -23.51 -4.11
N ASN A 737 31.02 -23.54 -3.80
CA ASN A 737 31.94 -24.47 -4.44
C ASN A 737 31.68 -25.93 -4.04
N ALA A 738 31.29 -26.14 -2.78
CA ALA A 738 30.95 -27.47 -2.29
C ALA A 738 29.71 -28.06 -2.96
N VAL A 739 28.64 -27.26 -3.10
CA VAL A 739 27.41 -27.75 -3.75
C VAL A 739 27.57 -27.98 -5.24
N SER A 740 28.42 -27.18 -5.89
CA SER A 740 28.62 -27.22 -7.34
C SER A 740 29.17 -28.55 -7.85
N LYS A 741 29.89 -29.25 -6.97
CA LYS A 741 30.46 -30.56 -7.28
C LYS A 741 29.43 -31.67 -7.17
N ILE A 742 28.38 -31.42 -6.39
CA ILE A 742 27.34 -32.43 -6.13
C ILE A 742 26.10 -32.24 -7.02
N TYR A 743 25.79 -30.98 -7.34
CA TYR A 743 24.69 -30.64 -8.24
C TYR A 743 24.50 -31.54 -9.49
N PRO A 744 25.57 -31.83 -10.26
CA PRO A 744 25.45 -32.67 -11.45
C PRO A 744 24.98 -34.10 -11.18
N GLN A 745 25.00 -34.49 -9.90
CA GLN A 745 24.63 -35.85 -9.49
C GLN A 745 23.21 -35.96 -8.97
N LEU A 746 22.52 -34.82 -8.86
CA LEU A 746 21.13 -34.83 -8.43
C LEU A 746 20.24 -35.25 -9.61
N THR A 747 19.10 -35.86 -9.30
CA THR A 747 18.09 -36.21 -10.30
C THR A 747 17.52 -34.96 -10.96
N GLU A 748 16.84 -35.13 -12.10
CA GLU A 748 16.17 -34.01 -12.77
C GLU A 748 15.09 -33.37 -11.88
N GLU A 749 14.43 -34.19 -11.06
CA GLU A 749 13.41 -33.67 -10.13
C GLU A 749 14.02 -32.88 -8.97
N GLU A 750 15.13 -33.36 -8.43
CA GLU A 750 15.87 -32.63 -7.38
C GLU A 750 16.38 -31.30 -7.91
N SER A 751 16.82 -31.29 -9.16
CA SER A 751 17.29 -30.08 -9.83
C SER A 751 16.17 -29.06 -10.07
N LYS A 752 15.00 -29.54 -10.49
CA LYS A 752 13.83 -28.68 -10.70
C LYS A 752 13.34 -28.04 -9.39
N ARG A 753 13.49 -28.80 -8.30
CA ARG A 753 13.16 -28.33 -6.95
C ARG A 753 14.18 -27.29 -6.45
N ASN A 754 15.28 -27.12 -7.18
CA ASN A 754 16.30 -26.13 -6.84
C ASN A 754 16.20 -24.86 -7.69
N GLU A 755 15.19 -24.80 -8.55
CA GLU A 755 15.00 -23.64 -9.41
C GLU A 755 13.72 -22.86 -9.06
N ASP A 756 13.67 -21.60 -9.49
CA ASP A 756 12.49 -20.76 -9.30
C ASP A 756 11.27 -21.30 -10.02
N GLY A 757 10.12 -21.11 -9.39
CA GLY A 757 8.83 -21.38 -10.02
C GLY A 757 8.10 -20.07 -10.26
N SER A 758 6.78 -20.16 -10.42
CA SER A 758 5.95 -19.01 -10.77
C SER A 758 4.92 -18.65 -9.71
N THR A 759 4.56 -17.37 -9.68
CA THR A 759 3.42 -16.88 -8.92
C THR A 759 2.18 -17.14 -9.76
N LEU A 760 1.10 -17.58 -9.12
CA LEU A 760 -0.11 -17.95 -9.84
C LEU A 760 -1.31 -17.08 -9.47
N LEU A 761 -2.13 -16.78 -10.48
CA LEU A 761 -3.39 -16.07 -10.31
C LEU A 761 -4.56 -16.97 -10.69
N PHE A 762 -5.51 -17.12 -9.78
CA PHE A 762 -6.70 -17.93 -10.01
C PHE A 762 -7.93 -17.02 -10.02
N ILE A 763 -8.68 -17.03 -11.11
CA ILE A 763 -9.93 -16.27 -11.19
C ILE A 763 -11.10 -17.17 -11.59
N SER A 764 -12.28 -16.86 -11.06
CA SER A 764 -13.50 -17.59 -11.40
C SER A 764 -13.98 -17.22 -12.80
N GLU A 765 -14.59 -18.19 -13.48
CA GLU A 765 -15.20 -17.95 -14.79
C GLU A 765 -16.35 -16.93 -14.70
N HIS A 766 -16.83 -16.71 -13.47
CA HIS A 766 -17.92 -15.78 -13.21
C HIS A 766 -17.44 -14.39 -12.78
N HIS A 767 -16.11 -14.21 -12.69
CA HIS A 767 -15.51 -12.91 -12.36
C HIS A 767 -15.75 -11.90 -13.48
N PRO A 768 -16.09 -10.65 -13.13
CA PRO A 768 -16.29 -9.57 -14.10
C PRO A 768 -15.20 -9.41 -15.17
N PHE A 770 -13.24 -11.83 -16.42
CA PHE A 770 -12.96 -13.09 -17.12
C PHE A 770 -13.09 -13.09 -18.64
N SER A 771 -14.28 -12.77 -19.16
CA SER A 771 -14.53 -12.87 -20.59
C SER A 771 -13.65 -11.94 -21.43
N GLU A 772 -13.39 -10.74 -20.93
CA GLU A 772 -12.51 -9.81 -21.64
C GLU A 772 -11.04 -10.21 -21.52
N LEU A 773 -10.64 -10.74 -20.37
CA LEU A 773 -9.29 -11.25 -20.16
C LEU A 773 -8.98 -12.41 -21.12
N VAL A 774 -9.93 -13.34 -21.26
CA VAL A 774 -9.79 -14.50 -22.13
C VAL A 774 -9.74 -14.12 -23.62
N LYS A 775 -10.57 -13.16 -24.01
CA LYS A 775 -10.57 -12.62 -25.38
C LYS A 775 -9.20 -12.06 -25.78
N GLN A 776 -8.61 -11.26 -24.89
CA GLN A 776 -7.31 -10.65 -25.14
C GLN A 776 -6.15 -11.63 -24.99
N LEU A 777 -6.33 -12.63 -24.14
CA LEU A 777 -5.29 -13.62 -23.85
C LEU A 777 -5.12 -14.63 -24.98
N TYR A 778 -6.24 -15.14 -25.49
CA TYR A 778 -6.23 -16.09 -26.60
C TYR A 778 -6.38 -15.38 -27.95
N SER A 779 -6.04 -14.09 -27.98
CA SER A 779 -6.04 -13.27 -29.18
C SER A 779 -4.87 -13.64 -30.09
N LYS A 780 -5.01 -13.33 -31.38
CA LYS A 780 -3.99 -13.64 -32.38
C LYS A 780 -2.88 -12.59 -32.53
N LYS A 781 -2.80 -11.66 -31.58
CA LYS A 781 -1.66 -10.75 -31.52
C LYS A 781 -0.42 -11.54 -31.12
N ARG A 782 -0.48 -12.21 -29.97
CA ARG A 782 0.48 -13.26 -29.60
C ARG A 782 -0.03 -14.05 -28.40
N GLN A 783 0.02 -15.37 -28.51
CA GLN A 783 -0.45 -16.27 -27.45
C GLN A 783 0.71 -16.80 -26.60
N GLY A 784 1.89 -16.22 -26.81
CA GLY A 784 3.09 -16.56 -26.01
C GLY A 784 3.59 -15.37 -25.23
N LYS A 785 3.43 -14.18 -25.80
CA LYS A 785 3.78 -12.93 -25.14
C LYS A 785 2.82 -12.63 -24.00
N PRO A 786 3.34 -12.24 -22.84
CA PRO A 786 2.51 -11.96 -21.66
C PRO A 786 1.50 -10.85 -21.93
N LEU A 787 0.32 -10.97 -21.31
CA LEU A 787 -0.72 -9.97 -21.44
C LEU A 787 -0.64 -8.97 -20.28
N LYS A 788 -0.55 -7.69 -20.62
CA LYS A 788 -0.54 -6.61 -19.64
C LYS A 788 -1.98 -6.32 -19.22
N LEU A 789 -2.23 -6.35 -17.91
CA LEU A 789 -3.55 -6.00 -17.38
C LEU A 789 -3.75 -4.48 -17.43
N SER A 790 -4.68 -4.04 -18.28
CA SER A 790 -4.94 -2.61 -18.47
C SER A 790 -6.38 -2.36 -18.89
N GLY A 791 -6.81 -1.10 -18.79
CA GLY A 791 -8.18 -0.69 -19.15
C GLY A 791 -9.20 -1.17 -18.12
N LYS A 792 -10.46 -1.20 -18.55
CA LYS A 792 -11.56 -1.74 -17.73
C LYS A 792 -11.38 -3.23 -17.43
N ALA A 794 -8.70 -4.89 -16.51
CA ALA A 794 -7.88 -5.14 -15.32
C ALA A 794 -8.67 -5.29 -14.01
N HIS A 795 -9.78 -4.54 -13.90
CA HIS A 795 -10.61 -4.52 -12.71
C HIS A 795 -9.82 -4.28 -11.41
N GLY A 796 -8.91 -3.31 -11.45
CA GLY A 796 -8.14 -2.90 -10.28
C GLY A 796 -6.97 -3.77 -9.88
N LEU A 797 -6.62 -4.73 -10.74
CA LEU A 797 -5.44 -5.57 -10.55
C LEU A 797 -4.47 -5.37 -11.70
N PHE A 798 -3.19 -5.21 -11.39
CA PHE A 798 -2.19 -4.79 -12.37
C PHE A 798 -0.97 -5.70 -12.41
N GLY A 799 -0.42 -5.85 -13.61
CA GLY A 799 0.71 -6.73 -13.86
C GLY A 799 0.63 -7.42 -15.21
N LYS A 800 1.40 -8.48 -15.36
CA LYS A 800 1.45 -9.28 -16.60
C LYS A 800 0.99 -10.71 -16.35
N VAL A 801 0.15 -11.22 -17.24
CA VAL A 801 -0.33 -12.60 -17.12
C VAL A 801 -0.01 -13.44 -18.36
N ASN A 802 0.25 -14.73 -18.14
CA ASN A 802 0.39 -15.69 -19.22
C ASN A 802 -0.30 -17.00 -18.85
N THR A 803 -0.45 -17.90 -19.82
CA THR A 803 -1.11 -19.19 -19.56
C THR A 803 -0.33 -20.08 -18.61
N ASN A 804 -1.05 -20.81 -17.76
CA ASN A 804 -0.46 -21.84 -16.93
C ASN A 804 -0.46 -23.17 -17.70
N ASP A 805 0.69 -23.48 -18.31
CA ASP A 805 0.83 -24.61 -19.23
C ASP A 805 0.72 -25.98 -18.57
N SER A 806 1.10 -26.05 -17.28
CA SER A 806 1.06 -27.31 -16.52
C SER A 806 -0.35 -27.88 -16.36
N VAL A 807 -1.34 -26.98 -16.29
CA VAL A 807 -2.74 -27.37 -16.15
C VAL A 807 -3.32 -27.92 -17.45
N ILE A 808 -3.82 -29.16 -17.39
CA ILE A 808 -4.47 -29.81 -18.51
C ILE A 808 -5.96 -29.44 -18.49
N PRO A 809 -6.54 -29.11 -19.66
CA PRO A 809 -7.97 -28.75 -19.75
C PRO A 809 -8.96 -29.87 -19.41
N ASN A 810 -8.73 -30.57 -18.30
CA ASN A 810 -9.69 -31.49 -17.71
C ASN A 810 -10.23 -30.88 -16.42
N VAL A 811 -11.52 -30.57 -16.41
CA VAL A 811 -12.15 -29.84 -15.30
C VAL A 811 -12.19 -30.60 -13.97
N SER A 812 -11.94 -31.92 -14.01
CA SER A 812 -11.94 -32.76 -12.80
C SER A 812 -10.68 -32.56 -11.96
N VAL A 813 -10.86 -31.99 -10.77
CA VAL A 813 -9.76 -31.72 -9.84
C VAL A 813 -10.04 -32.40 -8.50
N GLN A 814 -9.11 -33.23 -8.04
CA GLN A 814 -9.23 -33.88 -6.73
C GLN A 814 -8.23 -33.36 -5.70
N CYS A 815 -8.57 -33.56 -4.42
CA CYS A 815 -7.71 -33.18 -3.30
C CYS A 815 -6.43 -34.01 -3.30
N PRO A 816 -5.27 -33.35 -3.15
CA PRO A 816 -3.97 -34.02 -3.22
C PRO A 816 -3.59 -34.77 -1.94
N ILE A 817 -4.35 -34.56 -0.86
CA ILE A 817 -4.09 -35.22 0.41
C ILE A 817 -5.31 -36.00 0.92
N ASP A 818 -5.08 -36.96 1.81
CA ASP A 818 -6.14 -37.78 2.39
C ASP A 818 -6.81 -37.09 3.58
N VAL A 819 -8.13 -37.29 3.68
CA VAL A 819 -8.91 -36.74 4.78
C VAL A 819 -9.53 -37.86 5.60
N THR A 820 -9.54 -37.72 6.93
CA THR A 820 -10.03 -38.76 7.83
C THR A 820 -11.51 -38.61 8.20
N SER A 821 -11.91 -37.41 8.60
CA SER A 821 -13.28 -37.18 9.08
C SER A 821 -14.31 -37.02 7.98
N ALA A 822 -15.57 -37.32 8.31
CA ALA A 822 -16.68 -37.28 7.35
C ALA A 822 -17.10 -35.85 6.97
N ASP A 823 -16.92 -34.91 7.91
CA ASP A 823 -17.25 -33.51 7.67
C ASP A 823 -16.20 -32.85 6.77
N ALA A 824 -14.95 -33.27 6.93
CA ALA A 824 -13.84 -32.71 6.17
C ALA A 824 -13.78 -33.26 4.74
N LEU A 825 -14.16 -34.53 4.56
CA LEU A 825 -14.31 -35.12 3.23
C LEU A 825 -15.45 -34.44 2.46
N GLN A 826 -16.44 -33.95 3.20
CA GLN A 826 -17.58 -33.23 2.62
C GLN A 826 -17.16 -31.84 2.13
N LYS A 827 -16.37 -31.14 2.94
CA LYS A 827 -15.95 -29.78 2.61
C LYS A 827 -14.66 -29.70 1.77
N TYR A 828 -13.85 -30.76 1.81
CA TYR A 828 -12.65 -30.86 0.98
C TYR A 828 -12.71 -32.09 0.08
N GLY A 829 -13.69 -32.12 -0.81
CA GLY A 829 -13.85 -33.21 -1.75
C GLY A 829 -13.42 -32.84 -3.16
N SER A 830 -13.74 -33.70 -4.12
CA SER A 830 -13.40 -33.49 -5.52
C SER A 830 -14.19 -32.35 -6.16
N ILE A 831 -13.61 -31.74 -7.18
CA ILE A 831 -14.26 -30.71 -7.98
C ILE A 831 -14.34 -31.23 -9.41
N ASP A 832 -15.50 -31.79 -9.75
CA ASP A 832 -15.73 -32.41 -11.06
C ASP A 832 -15.79 -31.39 -12.19
N ASP A 833 -16.24 -30.18 -11.87
CA ASP A 833 -16.31 -29.10 -12.85
C ASP A 833 -15.61 -27.84 -12.33
N ASN A 834 -14.32 -27.71 -12.68
CA ASN A 834 -13.52 -26.54 -12.31
C ASN A 834 -13.84 -25.35 -13.21
N GLN A 835 -14.70 -24.46 -12.70
CA GLN A 835 -15.13 -23.26 -13.42
C GLN A 835 -14.25 -22.07 -13.05
N SER A 836 -12.95 -22.22 -13.30
CA SER A 836 -11.96 -21.18 -13.04
C SER A 836 -10.72 -21.40 -13.91
N ILE A 837 -9.91 -20.35 -14.08
CA ILE A 837 -8.64 -20.48 -14.78
C ILE A 837 -7.47 -20.05 -13.89
N SER A 838 -6.32 -20.70 -14.09
CA SER A 838 -5.08 -20.28 -13.45
C SER A 838 -4.11 -19.72 -14.48
N LEU A 839 -3.36 -18.71 -14.05
CA LEU A 839 -2.44 -17.98 -14.92
C LEU A 839 -1.16 -17.69 -14.16
N VAL A 840 -0.02 -17.70 -14.84
CA VAL A 840 1.21 -17.20 -14.22
C VAL A 840 1.13 -15.68 -14.17
N PHE A 841 1.50 -15.13 -13.02
CA PHE A 841 1.31 -13.72 -12.76
C PHE A 841 2.62 -13.04 -12.34
N GLU A 842 2.92 -11.90 -12.96
CA GLU A 842 4.08 -11.10 -12.61
C GLU A 842 3.64 -9.69 -12.22
N VAL A 843 3.99 -9.28 -11.00
CA VAL A 843 3.72 -7.92 -10.54
C VAL A 843 4.44 -6.90 -11.43
N PRO A 844 3.87 -5.71 -11.57
CA PRO A 844 4.55 -4.63 -12.30
C PRO A 844 5.77 -4.16 -11.50
N LYS A 845 6.76 -3.62 -12.21
CA LYS A 845 7.93 -3.07 -11.53
C LYS A 845 8.16 -1.65 -11.99
N SER A 846 8.11 -0.74 -11.02
CA SER A 846 8.27 0.67 -11.31
C SER A 846 9.72 1.01 -11.62
N HIS A 847 9.92 1.97 -12.51
CA HIS A 847 11.24 2.51 -12.83
C HIS A 847 11.65 3.60 -11.83
N PHE A 848 10.79 3.85 -10.85
CA PHE A 848 10.94 4.99 -9.96
C PHE A 848 11.03 4.57 -8.49
N VAL A 849 11.78 5.34 -7.71
CA VAL A 849 11.82 5.21 -6.26
C VAL A 849 10.40 5.39 -5.72
N HIS A 850 9.97 4.45 -4.87
CA HIS A 850 8.65 4.53 -4.27
C HIS A 850 8.65 5.54 -3.14
N LYS A 851 7.72 6.50 -3.21
CA LYS A 851 7.69 7.60 -2.24
C LYS A 851 6.78 7.28 -1.05
N SER A 852 7.26 7.65 0.14
CA SER A 852 6.50 7.52 1.37
C SER A 852 5.50 8.67 1.50
N LEU A 854 0.97 9.60 1.05
CA LEU A 854 -0.39 9.13 0.83
C LEU A 854 -0.78 9.36 -0.62
N LEU A 855 -1.57 8.43 -1.16
CA LEU A 855 -2.12 8.58 -2.51
C LEU A 855 -3.21 9.65 -2.53
N ARG A 856 -3.41 10.28 -3.68
CA ARG A 856 -4.57 11.15 -3.84
C ARG A 856 -5.85 10.32 -3.78
N GLY A 857 -6.93 10.92 -3.29
CA GLY A 857 -8.21 10.25 -3.19
C GLY A 857 -8.39 9.44 -1.91
N VAL A 858 -7.33 9.38 -1.12
CA VAL A 858 -7.33 8.75 0.20
C VAL A 858 -8.37 9.43 1.11
N LYS A 859 -9.35 8.64 1.55
CA LYS A 859 -10.35 9.13 2.49
C LYS A 859 -10.09 8.45 3.83
N PRO A 861 -9.84 6.87 7.49
CA PRO A 861 -10.72 6.17 8.43
C PRO A 861 -11.05 7.04 9.63
N ASN A 862 -12.26 6.87 10.15
CA ASN A 862 -12.75 7.63 11.30
C ASN A 862 -11.75 7.68 12.45
N ARG A 863 -11.59 8.87 13.03
CA ARG A 863 -10.68 9.10 14.14
C ARG A 863 -11.22 8.43 15.41
N VAL A 864 -10.35 7.75 16.14
CA VAL A 864 -10.77 6.92 17.28
C VAL A 864 -10.34 7.51 18.64
N LEU A 865 -9.24 8.25 18.66
CA LEU A 865 -8.66 8.76 19.91
C LEU A 865 -9.43 9.93 20.51
N THR A 866 -10.02 9.68 21.69
CA THR A 866 -10.86 10.65 22.40
C THR A 866 -9.98 11.62 23.19
N PRO A 867 -10.51 12.78 23.58
CA PRO A 867 -9.83 13.65 24.56
C PRO A 867 -9.04 12.90 25.63
N GLU A 868 -9.63 11.88 26.24
CA GLU A 868 -8.99 11.06 27.26
C GLU A 868 -7.72 10.36 26.77
N ASP A 869 -7.77 9.86 25.53
CA ASP A 869 -6.62 9.20 24.91
C ASP A 869 -5.48 10.17 24.62
N ILE A 870 -5.82 11.31 24.03
CA ILE A 870 -4.84 12.34 23.67
C ILE A 870 -4.19 12.95 24.91
N ASN A 871 -4.99 13.17 25.95
CA ASN A 871 -4.49 13.62 27.26
C ASN A 871 -3.35 12.74 27.76
N GLN A 872 -3.60 11.43 27.82
CA GLN A 872 -2.64 10.45 28.33
C GLN A 872 -1.30 10.45 27.58
N VAL A 873 -1.37 10.57 26.26
CA VAL A 873 -0.16 10.57 25.41
C VAL A 873 0.69 11.82 25.64
N ARG A 874 0.02 12.96 25.84
CA ARG A 874 0.67 14.24 26.13
C ARG A 874 1.53 14.19 27.39
N ALA A 875 0.94 13.71 28.48
CA ALA A 875 1.60 13.66 29.79
C ALA A 875 2.77 12.68 29.83
N GLU A 876 2.61 11.56 29.13
CA GLU A 876 3.62 10.50 29.12
C GLU A 876 4.91 10.90 28.41
N ARG A 877 4.79 11.69 27.34
CA ARG A 877 5.96 12.18 26.60
C ARG A 877 6.56 13.42 27.27
N LEU B 2 -35.62 41.71 -33.85
CA LEU B 2 -35.32 41.50 -32.44
C LEU B 2 -36.33 40.49 -31.87
N ARG B 3 -35.81 39.44 -31.25
CA ARG B 3 -36.63 38.40 -30.64
C ARG B 3 -36.23 38.20 -29.18
N GLU B 4 -37.21 37.92 -28.34
CA GLU B 4 -36.99 37.71 -26.91
C GLU B 4 -37.40 36.31 -26.48
N PHE B 5 -36.64 35.75 -25.53
CA PHE B 5 -36.91 34.44 -24.97
C PHE B 5 -36.98 34.57 -23.46
N SER B 6 -38.15 34.27 -22.91
CA SER B 6 -38.37 34.35 -21.47
C SER B 6 -38.06 33.02 -20.78
N PHE B 7 -37.29 33.09 -19.69
CA PHE B 7 -37.02 31.93 -18.84
C PHE B 7 -38.30 31.43 -18.14
N TYR B 8 -39.26 32.34 -17.99
CA TYR B 8 -40.52 32.08 -17.30
C TYR B 8 -41.59 31.46 -18.20
N ASP B 9 -41.51 31.76 -19.50
CA ASP B 9 -42.53 31.39 -20.48
C ASP B 9 -42.43 29.92 -20.90
N VAL B 10 -41.39 29.24 -20.43
CA VAL B 10 -41.15 27.83 -20.74
C VAL B 10 -42.04 26.92 -19.87
N PRO B 11 -42.92 26.15 -20.52
CA PRO B 11 -43.86 25.29 -19.80
C PRO B 11 -43.16 24.08 -19.18
N PRO B 12 -43.76 23.49 -18.14
CA PRO B 12 -43.25 22.26 -17.54
C PRO B 12 -43.16 21.14 -18.59
N ALA B 13 -42.00 20.50 -18.68
CA ALA B 13 -41.76 19.45 -19.64
C ALA B 13 -40.79 18.43 -19.05
N HIS B 14 -40.73 17.25 -19.68
CA HIS B 14 -39.77 16.24 -19.28
C HIS B 14 -38.35 16.73 -19.58
N VAL B 15 -37.41 16.35 -18.72
CA VAL B 15 -36.00 16.67 -18.94
C VAL B 15 -35.58 16.12 -20.32
N PRO B 16 -34.94 16.95 -21.15
CA PRO B 16 -34.47 16.50 -22.45
C PRO B 16 -33.41 15.40 -22.32
N PRO B 17 -33.37 14.48 -23.29
CA PRO B 17 -32.28 13.50 -23.36
C PRO B 17 -30.94 14.19 -23.61
N VAL B 18 -29.93 13.79 -22.83
CA VAL B 18 -28.58 14.31 -23.00
C VAL B 18 -27.62 13.14 -23.16
N SER B 19 -26.92 13.13 -24.29
CA SER B 19 -25.94 12.08 -24.58
C SER B 19 -24.67 12.26 -23.73
N GLU B 20 -23.89 11.18 -23.64
CA GLU B 20 -22.59 11.21 -22.98
C GLU B 20 -21.63 12.04 -23.83
N PRO B 21 -21.07 13.11 -23.27
CA PRO B 21 -20.11 13.95 -24.01
C PRO B 21 -18.88 13.15 -24.48
N LEU B 22 -18.75 13.01 -25.79
CA LEU B 22 -17.65 12.24 -26.40
C LEU B 22 -16.54 13.15 -26.90
N GLU B 23 -15.32 12.92 -26.41
CA GLU B 23 -14.18 13.70 -26.86
C GLU B 23 -13.81 13.31 -28.29
N ILE B 24 -13.70 14.31 -29.16
CA ILE B 24 -13.33 14.08 -30.56
C ILE B 24 -11.96 14.65 -30.87
N ALA B 25 -11.47 15.53 -30.00
CA ALA B 25 -10.18 16.17 -30.16
C ALA B 25 -9.74 16.81 -28.85
N CYS B 26 -8.44 17.03 -28.73
CA CYS B 26 -7.89 17.74 -27.58
C CYS B 26 -6.67 18.54 -28.03
N TYR B 27 -6.26 19.50 -27.20
CA TYR B 27 -5.10 20.33 -27.50
C TYR B 27 -4.55 21.00 -26.23
N SER B 28 -3.37 21.58 -26.38
CA SER B 28 -2.67 22.25 -25.28
C SER B 28 -2.37 23.70 -25.64
N LEU B 29 -2.39 24.55 -24.62
CA LEU B 29 -2.03 25.96 -24.78
C LEU B 29 -0.83 26.28 -23.89
N SER B 30 0.07 27.12 -24.40
CA SER B 30 1.27 27.50 -23.66
C SER B 30 1.14 28.92 -23.10
N ARG B 31 2.15 29.34 -22.32
CA ARG B 31 2.16 30.66 -21.66
C ARG B 31 2.31 31.84 -22.63
N ASP B 32 2.93 31.59 -23.78
CA ASP B 32 3.07 32.60 -24.82
C ASP B 32 1.78 32.73 -25.66
N ARG B 33 0.75 32.02 -25.22
CA ARG B 33 -0.58 32.06 -25.83
C ARG B 33 -0.58 31.50 -27.26
N GLU B 34 0.01 30.32 -27.42
CA GLU B 34 0.00 29.59 -28.69
C GLU B 34 -0.57 28.20 -28.49
N LEU B 35 -1.04 27.60 -29.57
CA LEU B 35 -1.76 26.33 -29.50
C LEU B 35 -0.95 25.18 -30.10
N LEU B 36 -0.91 24.06 -29.39
CA LEU B 36 -0.29 22.84 -29.90
C LEU B 36 -1.29 21.68 -29.90
N LEU B 37 -1.26 20.90 -30.98
CA LEU B 37 -2.17 19.75 -31.12
C LEU B 37 -1.60 18.50 -30.45
N ASP B 38 -1.48 18.54 -29.12
CA ASP B 38 -1.01 17.41 -28.33
C ASP B 38 -1.43 17.44 -26.85
N ASP B 39 -1.02 16.43 -26.11
CA ASP B 39 -1.29 16.25 -24.68
C ASP B 39 -0.25 16.90 -23.79
N SER B 40 0.64 17.69 -24.41
CA SER B 40 1.70 18.41 -23.74
C SER B 40 1.30 18.97 -22.35
N LYS B 41 0.18 19.68 -22.30
CA LYS B 41 -0.24 20.36 -21.07
C LYS B 41 -1.20 19.59 -20.15
N LEU B 42 -1.46 18.33 -20.47
CA LEU B 42 -2.28 17.47 -19.60
C LEU B 42 -1.60 17.28 -18.24
N SER B 43 -2.37 17.47 -17.18
CA SER B 43 -1.82 17.33 -15.83
C SER B 43 -2.61 16.33 -14.99
N TYR B 44 -2.02 15.93 -13.87
CA TYR B 44 -2.61 14.90 -13.01
C TYR B 44 -2.88 15.46 -11.63
N TYR B 45 -4.00 15.05 -11.03
CA TYR B 45 -4.37 15.53 -9.72
C TYR B 45 -3.50 14.93 -8.60
N TYR B 46 -2.86 15.81 -7.84
CA TYR B 46 -2.26 15.43 -6.56
C TYR B 46 -2.35 16.60 -5.58
N PRO B 47 -3.01 16.38 -4.44
CA PRO B 47 -3.40 17.47 -3.53
C PRO B 47 -2.22 18.17 -2.85
N PRO B 48 -2.41 19.44 -2.48
CA PRO B 48 -1.45 20.16 -1.64
C PRO B 48 -1.69 19.83 -0.17
N PRO B 49 -0.77 20.22 0.72
CA PRO B 49 -1.03 20.10 2.16
C PRO B 49 -2.17 21.03 2.55
N LEU B 50 -2.93 20.67 3.58
CA LEU B 50 -3.96 21.56 4.09
C LEU B 50 -3.32 22.73 4.82
N PHE B 51 -4.07 23.82 4.94
CA PHE B 51 -3.58 25.10 5.46
C PHE B 51 -2.55 25.77 4.53
N SER B 52 -2.57 25.36 3.25
CA SER B 52 -1.85 26.04 2.17
C SER B 52 -2.37 27.46 2.01
N ASP B 53 -1.44 28.42 1.99
CA ASP B 53 -1.76 29.83 1.79
C ASP B 53 -1.84 30.13 0.29
N LEU B 54 -3.06 30.36 -0.19
CA LEU B 54 -3.30 30.55 -1.63
C LEU B 54 -2.87 31.92 -2.16
N ASN B 55 -2.37 32.78 -1.27
CA ASN B 55 -1.82 34.09 -1.65
C ASN B 55 -0.39 34.03 -2.15
N THR B 56 0.35 33.00 -1.72
CA THR B 56 1.77 32.86 -2.06
C THR B 56 2.04 33.02 -3.55
N GLY B 57 2.90 33.98 -3.90
CA GLY B 57 3.26 34.23 -5.29
C GLY B 57 2.47 35.34 -5.98
N PHE B 58 1.43 35.84 -5.32
CA PHE B 58 0.66 36.99 -5.83
C PHE B 58 1.28 38.31 -5.34
N PRO B 59 1.65 39.21 -6.26
CA PRO B 59 1.56 39.01 -7.70
C PRO B 59 2.89 38.69 -8.41
N ASN B 60 3.98 38.61 -7.64
CA ASN B 60 5.35 38.47 -8.19
C ASN B 60 5.58 37.25 -9.10
N ARG B 61 4.89 36.16 -8.83
CA ARG B 61 5.06 34.92 -9.60
C ARG B 61 3.79 34.59 -10.42
N PHE B 62 3.02 35.62 -10.71
CA PHE B 62 1.73 35.48 -11.36
C PHE B 62 1.80 35.91 -12.83
N HIS B 63 1.52 34.99 -13.73
CA HIS B 63 1.38 35.29 -15.15
C HIS B 63 -0.10 35.51 -15.43
N PRO B 64 -0.54 36.78 -15.51
CA PRO B 64 -1.96 37.07 -15.65
C PRO B 64 -2.53 36.46 -16.94
N PRO B 65 -3.76 35.93 -16.87
CA PRO B 65 -4.35 35.25 -18.02
C PRO B 65 -4.79 36.22 -19.11
N LYS B 66 -5.00 35.70 -20.31
CA LYS B 66 -5.51 36.48 -21.42
C LYS B 66 -6.88 37.05 -21.05
N SER B 67 -7.14 38.27 -21.51
CA SER B 67 -8.38 38.97 -21.16
C SER B 67 -9.36 39.05 -22.33
N ASP B 68 -8.84 39.14 -23.55
CA ASP B 68 -9.68 39.15 -24.75
C ASP B 68 -10.24 37.76 -24.97
N PRO B 69 -11.50 37.66 -25.41
CA PRO B 69 -12.11 36.36 -25.64
C PRO B 69 -11.47 35.68 -26.85
N ASP B 70 -11.42 34.35 -26.83
CA ASP B 70 -10.90 33.59 -27.96
C ASP B 70 -11.98 33.44 -29.03
N PRO B 71 -11.64 33.70 -30.29
CA PRO B 71 -12.55 33.43 -31.40
C PRO B 71 -12.75 31.92 -31.58
N ILE B 72 -13.98 31.51 -31.90
CA ILE B 72 -14.33 30.09 -32.02
C ILE B 72 -13.70 29.43 -33.26
N SER B 73 -13.23 30.27 -34.18
CA SER B 73 -12.48 29.79 -35.35
C SER B 73 -11.29 28.92 -34.94
N ILE B 74 -10.71 29.20 -33.78
CA ILE B 74 -9.64 28.40 -33.17
C ILE B 74 -10.01 26.90 -33.14
N VAL B 75 -11.20 26.60 -32.63
CA VAL B 75 -11.70 25.22 -32.53
C VAL B 75 -12.03 24.63 -33.92
N LYS B 76 -12.70 25.43 -34.74
CA LYS B 76 -12.97 25.06 -36.14
C LYS B 76 -11.69 24.68 -36.87
N ASP B 77 -10.62 25.46 -36.65
CA ASP B 77 -9.32 25.21 -37.28
C ASP B 77 -8.66 23.93 -36.77
N VAL B 78 -8.73 23.69 -35.47
CA VAL B 78 -8.21 22.45 -34.87
C VAL B 78 -8.86 21.21 -35.52
N LEU B 79 -10.20 21.20 -35.56
CA LEU B 79 -10.97 20.07 -36.07
C LEU B 79 -10.71 19.80 -37.56
N THR B 81 -7.92 20.76 -39.32
CA THR B 81 -6.53 20.28 -39.43
C THR B 81 -6.47 18.77 -39.14
N LYS B 82 -7.33 18.31 -38.24
CA LYS B 82 -7.40 16.90 -37.87
C LYS B 82 -8.32 16.09 -38.78
N GLY B 83 -8.96 16.77 -39.74
CA GLY B 83 -9.88 16.12 -40.68
C GLY B 83 -11.12 15.53 -40.04
N ILE B 84 -11.65 16.24 -39.04
CA ILE B 84 -12.87 15.81 -38.35
C ILE B 84 -14.07 16.57 -38.90
N GLN B 85 -15.09 15.83 -39.34
CA GLN B 85 -16.28 16.42 -39.92
C GLN B 85 -17.21 16.96 -38.83
N ASN B 87 -20.89 17.79 -38.02
CA ASN B 87 -22.25 17.46 -38.46
C ASN B 87 -23.28 17.84 -37.40
N SER B 88 -23.04 18.96 -36.73
CA SER B 88 -23.83 19.39 -35.59
C SER B 88 -24.49 20.75 -35.83
N SER B 89 -25.36 21.15 -34.90
CA SER B 89 -26.08 22.42 -35.04
C SER B 89 -25.36 23.63 -34.46
N PHE B 90 -24.56 23.40 -33.42
CA PHE B 90 -23.76 24.45 -32.78
C PHE B 90 -22.28 24.08 -32.61
N LEU B 91 -21.42 25.07 -32.83
CA LEU B 91 -20.02 24.98 -32.43
C LEU B 91 -19.72 26.19 -31.56
N THR B 92 -19.35 25.94 -30.31
CA THR B 92 -19.01 27.03 -29.40
C THR B 92 -18.14 26.59 -28.20
N TRP B 93 -17.79 27.57 -27.36
CA TRP B 93 -17.08 27.32 -26.11
C TRP B 93 -18.06 26.83 -25.05
N ARG B 94 -17.67 25.78 -24.33
CA ARG B 94 -18.52 25.20 -23.29
C ARG B 94 -19.01 26.28 -22.31
N GLY B 95 -18.12 27.20 -21.96
CA GLY B 95 -18.44 28.32 -21.08
C GLY B 95 -19.56 29.21 -21.57
N LEU B 96 -19.76 29.29 -22.89
CA LEU B 96 -20.84 30.09 -23.45
C LEU B 96 -22.20 29.43 -23.32
N ILE B 97 -22.22 28.11 -23.32
CA ILE B 97 -23.45 27.37 -23.05
C ILE B 97 -23.83 27.48 -21.57
N THR B 98 -22.83 27.41 -20.69
CA THR B 98 -23.03 27.56 -19.25
C THR B 98 -23.72 28.89 -18.95
N LYS B 99 -23.28 29.95 -19.62
CA LYS B 99 -23.83 31.29 -19.46
C LYS B 99 -25.30 31.39 -19.84
N ILE B 100 -25.66 30.76 -20.96
CA ILE B 100 -27.05 30.68 -21.39
C ILE B 100 -27.85 29.86 -20.38
N CYS B 102 -27.22 29.04 -17.23
CA CYS B 102 -27.28 29.55 -15.85
C CYS B 102 -27.70 31.00 -15.73
N ALA B 103 -28.03 31.66 -16.84
CA ALA B 103 -28.49 33.05 -16.81
C ALA B 103 -29.62 33.32 -15.79
N PRO B 104 -30.63 32.45 -15.69
CA PRO B 104 -31.71 32.62 -14.69
C PRO B 104 -31.24 32.69 -13.22
N LEU B 105 -30.08 32.09 -12.94
CA LEU B 105 -29.51 32.07 -11.61
C LEU B 105 -28.74 33.34 -11.27
N ASP B 106 -28.24 34.02 -12.30
CA ASP B 106 -27.36 35.17 -12.13
C ASP B 106 -27.84 36.42 -12.87
N PRO B 107 -28.84 37.12 -12.32
CA PRO B 107 -29.37 38.33 -12.97
C PRO B 107 -28.34 39.46 -13.05
N ARG B 108 -27.34 39.44 -12.16
CA ARG B 108 -26.28 40.47 -12.15
C ARG B 108 -25.20 40.29 -13.22
N ASN B 109 -25.07 39.06 -13.73
CA ASN B 109 -24.03 38.74 -14.68
C ASN B 109 -24.48 38.94 -16.13
N HIS B 110 -24.12 40.08 -16.71
CA HIS B 110 -24.50 40.44 -18.07
C HIS B 110 -23.48 39.86 -19.04
N TRP B 111 -23.93 39.56 -20.25
CA TRP B 111 -23.06 38.98 -21.29
C TRP B 111 -23.68 39.12 -22.67
N GLU B 112 -22.83 39.05 -23.69
CA GLU B 112 -23.25 39.10 -25.08
C GLU B 112 -22.40 38.15 -25.90
N THR B 113 -23.04 37.40 -26.80
CA THR B 113 -22.33 36.55 -27.76
C THR B 113 -22.71 36.90 -29.20
N TYR B 114 -21.85 36.50 -30.13
CA TYR B 114 -22.08 36.64 -31.54
C TYR B 114 -22.33 35.27 -32.15
N LEU B 115 -23.33 35.19 -33.02
CA LEU B 115 -23.72 33.93 -33.66
C LEU B 115 -23.72 34.10 -35.18
N VAL B 116 -23.13 33.14 -35.87
CA VAL B 116 -23.10 33.11 -37.34
C VAL B 116 -23.27 31.67 -37.81
N ASP B 118 -22.51 29.06 -40.58
CA ASP B 118 -21.57 28.79 -41.65
C ASP B 118 -22.30 28.31 -42.91
N PRO B 119 -22.06 28.97 -44.04
CA PRO B 119 -22.70 28.60 -45.32
C PRO B 119 -22.30 27.22 -45.86
N THR B 120 -21.09 26.77 -45.53
CA THR B 120 -20.58 25.48 -46.00
C THR B 120 -21.17 24.30 -45.24
N SER B 121 -21.13 24.37 -43.91
CA SER B 121 -21.54 23.25 -43.05
C SER B 121 -22.96 23.37 -42.50
N GLY B 122 -23.46 24.59 -42.37
CA GLY B 122 -24.75 24.83 -41.72
C GLY B 122 -24.67 24.94 -40.22
N ILE B 123 -23.46 24.85 -39.66
CA ILE B 123 -23.29 24.95 -38.21
C ILE B 123 -23.40 26.41 -37.73
N ILE B 124 -24.06 26.59 -36.59
CA ILE B 124 -24.12 27.90 -35.94
C ILE B 124 -22.93 28.03 -35.00
N GLU B 127 -19.41 32.87 -30.27
CA GLU B 127 -18.25 33.41 -29.58
C GLU B 127 -18.57 34.74 -28.93
N GLU B 128 -17.69 35.16 -28.02
CA GLU B 128 -17.71 36.53 -27.55
C GLU B 128 -16.70 37.31 -28.37
N ARG B 129 -16.95 38.59 -28.56
CA ARG B 129 -16.01 39.44 -29.28
C ARG B 129 -15.56 40.60 -28.41
N THR B 130 -16.39 40.92 -27.43
CA THR B 130 -16.06 41.96 -26.49
C THR B 130 -15.54 41.35 -25.17
N ARG B 131 -14.55 41.99 -24.54
CA ARG B 131 -14.04 41.54 -23.24
C ARG B 131 -15.20 41.34 -22.27
N SER B 132 -15.31 40.12 -21.73
CA SER B 132 -16.42 39.77 -20.87
C SER B 132 -16.34 40.44 -19.51
N GLU B 133 -17.52 40.65 -18.91
CA GLU B 133 -17.69 41.24 -17.58
C GLU B 133 -16.89 40.47 -16.54
N THR B 134 -16.89 39.15 -16.66
CA THR B 134 -16.20 38.24 -15.76
C THR B 134 -14.67 38.36 -15.86
N SER B 135 -14.18 38.59 -17.07
CA SER B 135 -12.73 38.67 -17.31
C SER B 135 -12.11 39.91 -16.65
N TYR B 136 -12.92 40.93 -16.38
CA TYR B 136 -12.40 42.15 -15.73
C TYR B 136 -11.82 41.89 -14.33
N ALA B 137 -12.32 40.84 -13.68
CA ALA B 137 -11.77 40.39 -12.40
C ALA B 137 -10.65 39.33 -12.57
N ASN B 138 -10.25 39.08 -13.82
CA ASN B 138 -9.20 38.10 -14.23
C ASN B 138 -8.01 37.92 -13.32
N GLN B 139 -7.54 39.01 -12.74
CA GLN B 139 -6.29 39.03 -12.01
C GLN B 139 -6.43 39.55 -10.60
N ASP B 140 -7.67 39.56 -10.09
CA ASP B 140 -7.93 39.87 -8.69
C ASP B 140 -7.27 38.83 -7.80
N ARG B 141 -6.96 39.20 -6.56
CA ARG B 141 -6.40 38.29 -5.57
C ARG B 141 -7.25 37.01 -5.43
N CYS B 143 -9.40 35.64 -7.50
CA CYS B 143 -9.29 34.80 -8.70
C CYS B 143 -7.96 34.06 -8.72
N TYR B 144 -6.91 34.72 -8.24
CA TYR B 144 -5.60 34.11 -8.11
C TYR B 144 -5.66 32.88 -7.18
N TRP B 145 -6.43 32.98 -6.09
CA TRP B 145 -6.60 31.86 -5.17
C TRP B 145 -6.98 30.58 -5.92
N GLY B 146 -7.86 30.72 -6.92
CA GLY B 146 -8.25 29.61 -7.79
C GLY B 146 -7.15 29.09 -8.69
N TYR B 147 -6.41 30.00 -9.35
CA TYR B 147 -5.27 29.61 -10.19
C TYR B 147 -4.16 28.96 -9.36
N LYS B 148 -3.96 29.48 -8.15
CA LYS B 148 -2.96 28.96 -7.22
C LYS B 148 -3.30 27.55 -6.79
N PHE B 149 -4.55 27.34 -6.38
CA PHE B 149 -5.04 26.03 -6.02
C PHE B 149 -4.82 24.99 -7.12
N GLU B 150 -5.01 25.38 -8.38
CA GLU B 150 -4.79 24.50 -9.52
C GLU B 150 -3.31 24.18 -9.72
N ALA B 151 -2.45 25.18 -9.55
CA ALA B 151 -0.99 25.00 -9.65
C ALA B 151 -0.41 24.04 -8.59
N ILE B 152 -0.88 24.14 -7.35
CA ILE B 152 -0.37 23.31 -6.26
C ILE B 152 -1.10 21.96 -6.10
N SER B 153 -2.08 21.72 -6.97
CA SER B 153 -2.89 20.51 -6.93
C SER B 153 -2.69 19.61 -8.14
N THR B 154 -1.75 19.93 -9.00
CA THR B 154 -1.52 19.15 -10.22
C THR B 154 -0.06 18.81 -10.42
N LEU B 155 0.19 17.76 -11.20
CA LEU B 155 1.52 17.28 -11.53
C LEU B 155 1.68 17.12 -13.06
N PRO B 156 2.89 17.27 -13.59
CA PRO B 156 3.13 17.06 -15.02
C PRO B 156 3.07 15.59 -15.45
N GLU B 157 3.22 14.67 -14.49
CA GLU B 157 3.18 13.23 -14.74
C GLU B 157 2.37 12.57 -13.62
N ILE B 158 2.15 11.26 -13.73
CA ILE B 158 1.52 10.51 -12.66
C ILE B 158 2.39 10.58 -11.40
N TRP B 159 1.74 10.42 -10.24
CA TRP B 159 2.39 10.55 -8.94
C TRP B 159 3.72 9.79 -8.85
N ASP B 160 3.73 8.54 -9.30
CA ASP B 160 4.91 7.68 -9.19
C ASP B 160 6.09 8.15 -10.03
N ALA B 161 5.79 8.76 -11.18
CA ALA B 161 6.80 9.26 -12.11
C ALA B 161 7.38 10.63 -11.71
N CYS B 162 6.81 11.22 -10.67
CA CYS B 162 7.29 12.52 -10.17
C CYS B 162 8.19 12.37 -8.95
N SER B 163 9.29 13.13 -8.93
CA SER B 163 10.16 13.14 -7.76
C SER B 163 9.42 13.79 -6.60
N ARG B 164 9.87 13.57 -5.36
CA ARG B 164 9.21 14.23 -4.25
C ARG B 164 9.47 15.76 -4.22
N ASP B 165 10.64 16.19 -4.68
CA ASP B 165 10.93 17.61 -4.87
C ASP B 165 9.93 18.29 -5.81
N GLN B 166 9.64 17.64 -6.94
CA GLN B 166 8.66 18.11 -7.92
C GLN B 166 7.31 18.40 -7.27
N ILE B 167 6.89 17.50 -6.38
CA ILE B 167 5.63 17.61 -5.67
C ILE B 167 5.68 18.68 -4.58
N GLU B 168 6.76 18.68 -3.81
CA GLU B 168 6.89 19.54 -2.63
C GLU B 168 7.27 20.99 -2.96
N GLN B 169 7.83 21.22 -4.15
CA GLN B 169 8.22 22.58 -4.56
C GLN B 169 7.16 23.31 -5.38
N ARG B 170 5.94 22.78 -5.42
CA ARG B 170 4.86 23.38 -6.23
C ARG B 170 4.41 24.76 -5.76
N ASP B 171 4.54 25.03 -4.47
CA ASP B 171 4.22 26.34 -3.90
C ASP B 171 5.12 27.44 -4.46
N ASN B 172 6.30 27.04 -4.95
CA ASN B 172 7.28 27.97 -5.48
C ASN B 172 7.23 28.13 -6.99
N GLN B 173 6.28 27.46 -7.64
CA GLN B 173 6.14 27.56 -9.09
C GLN B 173 5.36 28.81 -9.49
N ASP B 174 5.70 29.35 -10.65
CA ASP B 174 4.89 30.40 -11.25
C ASP B 174 3.47 29.89 -11.48
N VAL B 175 2.50 30.79 -11.31
CA VAL B 175 1.10 30.48 -11.58
C VAL B 175 0.79 31.02 -12.97
N VAL B 176 0.50 30.10 -13.90
CA VAL B 176 0.39 30.43 -15.34
C VAL B 176 -0.90 29.86 -15.94
N PRO B 177 -2.04 30.49 -15.65
CA PRO B 177 -3.34 29.97 -16.09
C PRO B 177 -3.54 29.87 -17.61
N ASP B 178 -2.74 30.61 -18.39
CA ASP B 178 -2.76 30.51 -19.87
C ASP B 178 -2.29 29.12 -20.35
N GLU B 179 -1.46 28.46 -19.55
CA GLU B 179 -1.04 27.09 -19.81
C GLU B 179 -2.16 26.12 -19.43
N GLN B 180 -2.76 25.52 -20.45
CA GLN B 180 -3.90 24.64 -20.22
C GLN B 180 -4.02 23.50 -21.22
N TYR B 181 -4.79 22.51 -20.80
CA TYR B 181 -5.16 21.40 -21.62
C TYR B 181 -6.66 21.51 -21.88
N CYS B 182 -7.08 21.21 -23.10
CA CYS B 182 -8.48 21.39 -23.50
C CYS B 182 -9.08 20.18 -24.18
N SER B 183 -10.38 20.00 -24.01
CA SER B 183 -11.10 18.90 -24.64
C SER B 183 -12.19 19.45 -25.53
N ILE B 184 -12.27 18.92 -26.74
CA ILE B 184 -13.35 19.23 -27.67
C ILE B 184 -14.32 18.05 -27.70
N VAL B 185 -15.59 18.36 -27.46
CA VAL B 185 -16.61 17.37 -27.16
C VAL B 185 -17.84 17.49 -28.07
N LYS B 186 -18.42 16.36 -28.45
CA LYS B 186 -19.77 16.29 -29.04
C LYS B 186 -20.77 15.97 -27.92
N ILE B 187 -21.82 16.78 -27.79
CA ILE B 187 -22.87 16.51 -26.83
C ILE B 187 -24.24 16.89 -27.39
N ASN B 188 -25.19 15.98 -27.26
CA ASN B 188 -26.56 16.24 -27.71
C ASN B 188 -27.46 16.59 -26.54
N ILE B 189 -28.16 17.71 -26.69
CA ILE B 189 -29.16 18.17 -25.72
C ILE B 189 -30.47 18.34 -26.48
N GLY B 190 -31.38 17.39 -26.27
CA GLY B 190 -32.62 17.33 -27.05
C GLY B 190 -32.31 17.11 -28.52
N LYS B 191 -32.82 18.01 -29.36
CA LYS B 191 -32.62 17.91 -30.80
C LYS B 191 -31.38 18.70 -31.27
N SER B 192 -30.71 19.34 -30.32
CA SER B 192 -29.51 20.14 -30.63
C SER B 192 -28.23 19.32 -30.47
N LYS B 193 -27.45 19.27 -31.54
CA LYS B 193 -26.14 18.61 -31.51
C LYS B 193 -25.09 19.71 -31.33
N LEU B 194 -24.30 19.60 -30.27
CA LEU B 194 -23.32 20.63 -29.94
C LEU B 194 -21.89 20.11 -29.95
N ILE B 195 -21.00 20.91 -30.53
CA ILE B 195 -19.57 20.70 -30.38
C ILE B 195 -19.04 21.79 -29.47
N LEU B 196 -18.51 21.38 -28.32
CA LEU B 196 -18.08 22.30 -27.25
C LEU B 196 -16.61 22.09 -26.90
N ALA B 197 -15.93 23.20 -26.64
CA ALA B 197 -14.54 23.16 -26.20
C ALA B 197 -14.39 23.86 -24.86
N GLY B 198 -13.59 23.25 -23.98
CA GLY B 198 -13.34 23.80 -22.66
C GLY B 198 -12.05 23.31 -22.03
N GLU B 199 -11.55 24.08 -21.08
CA GLU B 199 -10.35 23.71 -20.32
C GLU B 199 -10.61 22.51 -19.42
N VAL B 200 -9.64 21.60 -19.37
CA VAL B 200 -9.66 20.47 -18.46
C VAL B 200 -8.53 20.66 -17.44
N ASP B 201 -8.89 20.83 -16.18
CA ASP B 201 -7.92 21.18 -15.14
C ASP B 201 -6.86 20.11 -14.92
N CYS B 202 -7.28 18.85 -14.80
CA CYS B 202 -6.37 17.73 -14.68
C CYS B 202 -7.12 16.42 -14.87
N ILE B 203 -6.40 15.32 -14.77
CA ILE B 203 -7.02 14.00 -14.79
C ILE B 203 -6.76 13.25 -13.48
N TRP B 204 -7.72 12.41 -13.11
CA TRP B 204 -7.68 11.66 -11.85
C TRP B 204 -6.61 10.57 -11.86
N ASP B 205 -6.55 9.82 -12.96
CA ASP B 205 -5.66 8.67 -13.08
C ASP B 205 -4.77 8.79 -14.32
N LYS B 206 -5.29 8.37 -15.47
CA LYS B 206 -4.64 8.68 -16.76
C LYS B 206 -5.65 8.56 -17.90
N LYS B 207 -5.30 9.15 -19.04
CA LYS B 207 -6.11 9.00 -20.25
C LYS B 207 -6.08 7.56 -20.75
N PRO B 208 -7.25 6.94 -20.89
CA PRO B 208 -7.36 5.59 -21.45
C PRO B 208 -6.70 5.49 -22.84
N CYS B 209 -6.20 4.28 -23.15
CA CYS B 209 -5.51 3.97 -24.41
C CYS B 209 -5.90 4.81 -25.61
N SER B 210 -7.11 4.58 -26.13
CA SER B 210 -7.59 5.22 -27.35
C SER B 210 -7.79 6.73 -27.17
N GLU B 231 -12.14 3.68 -24.75
CA GLU B 231 -12.87 4.38 -23.70
C GLU B 231 -12.78 5.91 -23.81
N ASN B 232 -13.92 6.57 -23.69
CA ASN B 232 -14.01 8.04 -23.61
C ASN B 232 -13.36 8.56 -22.33
N PRO B 233 -12.46 9.55 -22.44
CA PRO B 233 -11.66 10.01 -21.30
C PRO B 233 -12.36 10.93 -20.29
N ASN B 234 -13.47 11.55 -20.66
CA ASN B 234 -14.00 12.70 -19.91
C ASN B 234 -14.38 12.45 -18.45
N LEU B 235 -14.87 11.25 -18.13
CA LEU B 235 -15.15 10.87 -16.73
C LEU B 235 -13.89 10.74 -15.88
N HIS B 236 -12.74 10.61 -16.54
CA HIS B 236 -11.44 10.62 -15.85
C HIS B 236 -10.97 12.05 -15.54
N TYR B 237 -11.57 13.04 -16.20
CA TYR B 237 -11.18 14.44 -16.01
C TYR B 237 -11.71 15.00 -14.69
N VAL B 238 -11.03 16.02 -14.18
CA VAL B 238 -11.34 16.66 -12.90
C VAL B 238 -11.44 18.18 -13.11
N GLU B 239 -12.44 18.80 -12.50
CA GLU B 239 -12.51 20.26 -12.41
C GLU B 239 -12.09 20.68 -11.00
N LEU B 240 -11.25 21.71 -10.91
CA LEU B 240 -10.82 22.21 -9.59
C LEU B 240 -11.46 23.55 -9.25
N LYS B 241 -12.07 23.64 -8.07
CA LYS B 241 -12.75 24.86 -7.64
C LYS B 241 -12.23 25.33 -6.29
N THR B 242 -12.33 26.64 -6.06
CA THR B 242 -12.02 27.22 -4.76
C THR B 242 -13.25 28.01 -4.32
N SER B 243 -13.59 27.92 -3.04
CA SER B 243 -14.80 28.53 -2.51
C SER B 243 -14.78 28.62 -0.99
N LYS B 244 -15.53 29.59 -0.46
CA LYS B 244 -15.83 29.63 0.96
C LYS B 244 -16.87 28.55 1.25
N LYS B 245 -16.75 27.89 2.39
CA LYS B 245 -17.69 26.84 2.79
C LYS B 245 -18.93 27.39 3.46
N TYR B 246 -20.08 26.89 3.04
CA TYR B 246 -21.36 27.15 3.68
C TYR B 246 -22.14 25.84 3.69
N PRO B 247 -23.10 25.70 4.61
CA PRO B 247 -23.97 24.51 4.62
C PRO B 247 -24.90 24.52 3.41
N LEU B 248 -25.46 23.36 3.08
CA LEU B 248 -26.36 23.26 1.92
C LEU B 248 -27.71 23.99 2.10
N GLU B 249 -28.01 24.40 3.33
CA GLU B 249 -29.19 25.23 3.63
C GLU B 249 -29.04 26.64 3.04
N ASN B 250 -27.78 27.07 2.89
CA ASN B 250 -27.44 28.36 2.30
C ASN B 250 -27.72 28.32 0.80
N TYR B 251 -28.64 29.17 0.33
CA TYR B 251 -29.01 29.16 -1.09
C TYR B 251 -27.84 29.50 -2.00
N GLY B 252 -27.01 30.46 -1.59
CA GLY B 252 -25.81 30.85 -2.33
C GLY B 252 -24.88 29.67 -2.60
N ARG B 254 -25.86 26.42 -2.66
CA ARG B 254 -26.56 25.53 -3.58
C ARG B 254 -26.46 26.03 -5.02
N LYS B 255 -26.65 27.33 -5.20
CA LYS B 255 -26.57 27.97 -6.51
C LYS B 255 -25.18 27.76 -7.13
N LYS B 256 -24.14 27.94 -6.30
CA LYS B 256 -22.75 27.75 -6.72
C LYS B 256 -22.50 26.30 -7.15
N LEU B 257 -22.97 25.35 -6.34
CA LEU B 257 -22.82 23.92 -6.64
C LEU B 257 -23.57 23.52 -7.93
N LEU B 258 -24.76 24.09 -8.11
CA LEU B 258 -25.55 23.93 -9.32
C LEU B 258 -24.80 24.43 -10.57
N LYS B 259 -24.15 25.58 -10.43
CA LYS B 259 -23.33 26.14 -11.50
C LYS B 259 -22.04 25.35 -11.72
N TYR B 260 -21.47 24.80 -10.65
CA TYR B 260 -20.34 23.87 -10.76
C TYR B 260 -20.77 22.64 -11.56
N TRP B 261 -21.91 22.07 -11.18
CA TRP B 261 -22.50 20.93 -11.90
C TRP B 261 -22.73 21.21 -13.39
N ALA B 262 -23.35 22.34 -13.71
CA ALA B 262 -23.68 22.68 -15.09
C ALA B 262 -22.44 22.75 -15.98
N GLN B 263 -21.40 23.42 -15.52
CA GLN B 263 -20.16 23.56 -16.27
C GLN B 263 -19.52 22.21 -16.60
N SER B 264 -19.33 21.38 -15.59
CA SER B 264 -18.71 20.06 -15.75
C SER B 264 -19.59 19.06 -16.49
N PHE B 265 -20.90 19.14 -16.24
CA PHE B 265 -21.88 18.34 -16.96
C PHE B 265 -21.72 18.48 -18.48
N LEU B 266 -21.51 19.71 -18.95
CA LEU B 266 -21.41 20.01 -20.37
C LEU B 266 -20.19 19.43 -21.09
N LEU B 267 -19.12 19.16 -20.35
CA LEU B 267 -17.94 18.50 -20.93
C LEU B 267 -17.79 17.06 -20.43
N GLY B 268 -18.79 16.58 -19.69
CA GLY B 268 -18.79 15.21 -19.16
C GLY B 268 -17.69 14.95 -18.15
N ILE B 269 -17.22 16.01 -17.50
CA ILE B 269 -16.16 15.92 -16.49
C ILE B 269 -16.66 15.08 -15.30
N GLY B 270 -15.90 14.07 -14.91
CA GLY B 270 -16.31 13.11 -13.89
C GLY B 270 -16.35 13.62 -12.47
N ARG B 271 -15.37 14.44 -12.10
CA ARG B 271 -15.18 14.87 -10.72
C ARG B 271 -15.00 16.37 -10.57
N ILE B 272 -15.53 16.90 -9.48
CA ILE B 272 -15.24 18.26 -9.09
C ILE B 272 -14.58 18.22 -7.71
N ILE B 273 -13.41 18.83 -7.60
CA ILE B 273 -12.73 18.91 -6.32
C ILE B 273 -12.69 20.35 -5.88
N ILE B 274 -13.34 20.62 -4.75
CA ILE B 274 -13.44 21.97 -4.20
C ILE B 274 -12.42 22.17 -3.10
N GLY B 275 -11.58 23.20 -3.25
CA GLY B 275 -10.71 23.63 -2.19
C GLY B 275 -11.42 24.70 -1.38
N PHE B 276 -11.93 24.31 -0.21
CA PHE B 276 -12.60 25.28 0.67
C PHE B 276 -11.59 26.13 1.43
N ARG B 277 -11.66 27.45 1.24
CA ARG B 277 -10.71 28.37 1.85
C ARG B 277 -11.41 29.35 2.80
N ASP B 278 -10.66 29.90 3.75
CA ASP B 278 -11.22 30.91 4.65
C ASP B 278 -11.14 32.31 4.01
N ASP B 279 -11.46 33.34 4.79
CA ASP B 279 -11.53 34.71 4.28
C ASP B 279 -10.17 35.29 3.87
N ASN B 280 -9.09 34.71 4.41
CA ASN B 280 -7.73 35.21 4.19
C ASN B 280 -6.97 34.42 3.12
N GLY B 281 -7.64 33.46 2.49
CA GLY B 281 -7.06 32.68 1.40
C GLY B 281 -6.34 31.41 1.79
N ILE B 282 -6.52 30.97 3.04
CA ILE B 282 -5.89 29.73 3.50
C ILE B 282 -6.79 28.53 3.21
N LEU B 283 -6.21 27.51 2.57
CA LEU B 283 -6.92 26.27 2.25
C LEU B 283 -7.20 25.47 3.53
N ILE B 284 -8.47 25.30 3.87
CA ILE B 284 -8.82 24.66 5.14
C ILE B 284 -9.35 23.23 4.98
N GLU B 285 -9.91 22.93 3.81
CA GLU B 285 -10.55 21.65 3.55
C GLU B 285 -10.68 21.38 2.05
N LYS B 287 -12.97 18.82 -0.76
CA LYS B 287 -14.11 17.94 -0.94
C LYS B 287 -14.17 17.41 -2.37
N GLU B 288 -14.16 16.08 -2.52
CA GLU B 288 -14.29 15.43 -3.82
C GLU B 288 -15.74 15.12 -4.13
N LEU B 289 -16.20 15.56 -5.29
CA LEU B 289 -17.55 15.24 -5.74
C LEU B 289 -17.52 14.55 -7.09
N PHE B 290 -18.40 13.58 -7.28
CA PHE B 290 -18.74 13.12 -8.62
C PHE B 290 -19.76 14.09 -9.19
N THR B 291 -19.52 14.58 -10.41
CA THR B 291 -20.41 15.52 -11.07
C THR B 291 -21.86 15.06 -11.05
N HIS B 292 -22.09 13.79 -11.41
CA HIS B 292 -23.42 13.22 -11.45
C HIS B 292 -24.08 13.02 -10.07
N GLN B 293 -23.29 13.16 -9.01
CA GLN B 293 -23.80 13.12 -7.63
C GLN B 293 -24.48 14.41 -7.20
N ILE B 294 -24.13 15.53 -7.84
CA ILE B 294 -24.58 16.85 -7.36
C ILE B 294 -26.10 17.03 -7.32
N PRO B 295 -26.83 16.70 -8.40
CA PRO B 295 -28.29 16.82 -8.41
C PRO B 295 -28.97 16.11 -7.24
N LYS B 296 -28.60 14.86 -6.98
CA LYS B 296 -29.17 14.08 -5.87
C LYS B 296 -28.86 14.71 -4.52
N LEU B 298 -28.30 17.86 -3.87
CA LEU B 298 -29.04 19.11 -3.71
C LEU B 298 -30.55 18.93 -3.55
N ARG B 299 -31.06 17.79 -4.03
CA ARG B 299 -32.51 17.52 -4.06
C ARG B 299 -33.30 17.78 -2.75
N PRO B 300 -32.82 17.28 -1.60
CA PRO B 300 -33.52 17.49 -0.32
C PRO B 300 -33.70 18.95 0.08
N TYR B 301 -32.81 19.82 -0.41
CA TYR B 301 -32.76 21.22 0.01
C TYR B 301 -33.53 22.16 -0.92
N PHE B 302 -34.12 21.60 -1.97
CA PHE B 302 -34.90 22.40 -2.90
C PHE B 302 -36.31 22.70 -2.39
N LYS B 303 -36.74 23.94 -2.60
CA LYS B 303 -38.07 24.38 -2.25
C LYS B 303 -38.82 24.66 -3.56
N PRO B 304 -40.15 24.78 -3.51
CA PRO B 304 -40.92 25.12 -4.71
C PRO B 304 -40.41 26.41 -5.35
N ASN B 305 -40.56 26.50 -6.67
CA ASN B 305 -40.11 27.68 -7.45
C ASN B 305 -38.59 27.79 -7.66
N ASP B 306 -37.85 26.82 -7.17
CA ASP B 306 -36.38 26.81 -7.33
C ASP B 306 -35.93 26.22 -8.65
N TRP B 307 -34.84 26.77 -9.17
CA TRP B 307 -34.18 26.22 -10.34
C TRP B 307 -33.45 24.96 -9.96
N THR B 308 -33.79 23.86 -10.63
CA THR B 308 -33.18 22.55 -10.43
C THR B 308 -32.35 22.21 -11.67
N PRO B 309 -31.47 21.20 -11.59
CA PRO B 309 -30.72 20.71 -12.75
C PRO B 309 -31.62 20.42 -13.96
N ASN B 310 -32.75 19.76 -13.74
CA ASN B 310 -33.70 19.41 -14.80
C ASN B 310 -34.35 20.60 -15.47
N ARG B 311 -34.82 21.55 -14.66
CA ARG B 311 -35.42 22.79 -15.16
C ARG B 311 -34.42 23.63 -15.98
N LEU B 312 -33.17 23.67 -15.52
CA LEU B 312 -32.09 24.34 -16.27
C LEU B 312 -31.85 23.69 -17.63
N LEU B 313 -31.94 22.37 -17.68
CA LEU B 313 -31.84 21.62 -18.93
C LEU B 313 -33.03 21.84 -19.88
N VAL B 314 -34.25 21.86 -19.32
CA VAL B 314 -35.47 22.11 -20.11
C VAL B 314 -35.41 23.49 -20.75
N VAL B 315 -35.08 24.50 -19.95
CA VAL B 315 -35.02 25.88 -20.43
C VAL B 315 -33.88 26.11 -21.42
N LEU B 316 -32.75 25.45 -21.20
CA LEU B 316 -31.63 25.49 -22.15
C LEU B 316 -32.01 24.89 -23.50
N GLU B 317 -32.62 23.71 -23.48
CA GLU B 317 -33.03 23.02 -24.71
C GLU B 317 -33.99 23.89 -25.51
N HIS B 318 -34.93 24.53 -24.81
CA HIS B 318 -35.86 25.45 -25.44
C HIS B 318 -35.15 26.70 -25.99
N ALA B 319 -34.21 27.24 -25.21
CA ALA B 319 -33.39 28.38 -25.68
C ALA B 319 -32.61 28.03 -26.94
N LEU B 320 -32.00 26.85 -26.97
CA LEU B 320 -31.21 26.40 -28.12
C LEU B 320 -32.05 26.19 -29.38
N GLU B 321 -33.23 25.62 -29.20
CA GLU B 321 -34.14 25.40 -30.32
C GLU B 321 -34.67 26.73 -30.88
N TRP B 322 -34.93 27.67 -29.98
CA TRP B 322 -35.38 29.02 -30.35
C TRP B 322 -34.31 29.78 -31.15
N ILE B 323 -33.06 29.67 -30.72
CA ILE B 323 -31.93 30.27 -31.44
C ILE B 323 -31.77 29.63 -32.83
N LYS B 324 -31.78 28.31 -32.87
CA LYS B 324 -31.62 27.54 -34.10
C LYS B 324 -32.68 27.91 -35.14
N GLN B 325 -33.94 27.89 -34.72
CA GLN B 325 -35.06 28.17 -35.61
C GLN B 325 -35.08 29.62 -36.11
N THR B 326 -34.65 30.56 -35.27
CA THR B 326 -34.53 31.97 -35.66
C THR B 326 -33.42 32.17 -36.70
N VAL B 327 -32.22 31.67 -36.39
CA VAL B 327 -31.05 31.79 -37.27
C VAL B 327 -31.30 31.18 -38.65
N LYS B 328 -32.01 30.04 -38.69
CA LYS B 328 -32.30 29.32 -39.93
C LYS B 328 -33.35 29.96 -40.84
N GLN B 329 -34.02 31.00 -40.34
CA GLN B 329 -34.96 31.78 -41.14
C GLN B 329 -34.25 32.86 -41.96
N HIS B 330 -32.93 32.94 -41.80
CA HIS B 330 -32.15 33.96 -42.47
C HIS B 330 -31.00 33.33 -43.26
N PRO B 331 -30.45 34.06 -44.24
CA PRO B 331 -29.33 33.57 -45.02
C PRO B 331 -28.13 33.21 -44.14
N PRO B 332 -27.26 32.31 -44.61
CA PRO B 332 -26.00 32.05 -43.91
C PRO B 332 -25.13 33.31 -43.92
N SER B 333 -24.21 33.40 -42.95
CA SER B 333 -23.30 34.55 -42.81
C SER B 333 -24.01 35.80 -42.29
N THR B 334 -25.27 35.67 -41.90
CA THR B 334 -25.97 36.70 -41.14
C THR B 334 -25.45 36.68 -39.70
N GLU B 335 -24.98 37.83 -39.24
CA GLU B 335 -24.54 37.95 -37.85
C GLU B 335 -25.71 38.24 -36.92
N PHE B 336 -25.71 37.54 -35.80
CA PHE B 336 -26.69 37.73 -34.74
C PHE B 336 -25.96 38.03 -33.45
N THR B 337 -26.65 38.72 -32.56
CA THR B 337 -26.16 39.02 -31.23
C THR B 337 -27.15 38.43 -30.22
N LEU B 338 -26.64 37.73 -29.22
CA LEU B 338 -27.46 37.21 -28.11
C LEU B 338 -26.98 37.87 -26.82
N SER B 339 -27.88 38.62 -26.18
CA SER B 339 -27.54 39.43 -25.02
C SER B 339 -28.36 39.01 -23.80
N TYR B 340 -27.71 39.04 -22.65
CA TYR B 340 -28.42 39.01 -21.37
C TYR B 340 -27.92 40.18 -20.53
N THR B 341 -28.84 41.06 -20.14
CA THR B 341 -28.51 42.23 -19.32
C THR B 341 -29.40 42.30 -18.08
N GLY B 342 -29.70 41.14 -17.52
CA GLY B 342 -30.60 41.06 -16.38
C GLY B 342 -32.03 40.84 -16.82
N GLY B 343 -32.89 40.49 -15.88
CA GLY B 343 -34.29 40.25 -16.16
C GLY B 343 -34.56 38.79 -16.42
N SER B 344 -35.71 38.51 -17.03
CA SER B 344 -36.13 37.14 -17.30
C SER B 344 -36.01 36.76 -18.78
N LYS B 345 -35.39 37.62 -19.57
CA LYS B 345 -35.34 37.44 -21.03
C LYS B 345 -33.93 37.46 -21.62
N LEU B 346 -33.73 36.60 -22.62
CA LEU B 346 -32.61 36.71 -23.55
C LEU B 346 -33.08 37.50 -24.78
N VAL B 347 -32.18 38.28 -25.37
CA VAL B 347 -32.51 39.09 -26.54
C VAL B 347 -31.63 38.70 -27.73
N LEU B 348 -32.26 38.24 -28.81
CA LEU B 348 -31.56 37.86 -30.05
C LEU B 348 -31.80 38.90 -31.14
N ARG B 349 -30.73 39.49 -31.64
CA ARG B 349 -30.80 40.56 -32.65
C ARG B 349 -30.08 40.17 -33.93
N GLN B 350 -30.74 40.42 -35.06
CA GLN B 350 -30.07 40.34 -36.35
C GLN B 350 -29.30 41.64 -36.58
N ILE B 351 -28.04 41.51 -36.97
CA ILE B 351 -27.22 42.66 -37.32
C ILE B 351 -27.38 42.97 -38.81
N ILE B 352 -27.73 44.22 -39.11
CA ILE B 352 -27.86 44.69 -40.49
C ILE B 352 -26.69 45.60 -40.89
#